data_6WBR
#
_entry.id   6WBR
#
_cell.length_a   82.313
_cell.length_b   119.348
_cell.length_c   177.183
_cell.angle_alpha   90.000
_cell.angle_beta   90.000
_cell.angle_gamma   90.000
#
_symmetry.space_group_name_H-M   'P 21 21 21'
#
loop_
_entity.id
_entity.type
_entity.pdbx_description
1 polymer 'CRISPR-associated endonuclease, Csn1 family,CRISPR-associated endonuclease, Csn1 family'
2 polymer 'RNA (94-MER)'
3 polymer 'DNA (30-MER)'
4 polymer "DNA (5'-D(*AP*TP*AP*CP*CP*TP*GP*GP*CP*G)-3')"
#
loop_
_entity_poly.entity_id
_entity_poly.type
_entity_poly.pdbx_seq_one_letter_code
_entity_poly.pdbx_strand_id
1 'polypeptide(L)'
;MGGSEVGTVPVTWRLGVDVGERSIGLAAVSYEEDKPKEILAAVSWIHDGGVGDERSGASRLALRGMARRARRLRRFRRAR
LRDLDMLLSELGWTPLPDKNVSPVDAWLARKRLAEEYVVDETERRRLLGYAVSHMARHRGWRNPWTTIKDLKNLPQPSDS
WERTRESLEARYSVSLEPGTVGQWAGYLLQRAPGIRLNPTQQSAGRRAELSNATAFETRLRQEDVLWELRCIADVQGLPE
DVVSNVIDAVFCQKRPSVPAERIGRDPLDPSQLRASRACLEFQEYRIVAAVANLRIRDGSGSRPLSLEERNAVIEALLAQ
TERSLTWSDIALEILKLPNESDLTSVPEEDGPSSLAYSQFAPFDETSARIAEFIAKNRRKIPTFAQWWQEQDRTSRSDLV
AALADNSIAGEEEQELLVHLPDAELEALEGLALPSGRVAYSRLTLSGLTRVMRDDGVDVHNARKTCFGVDDNWRPPLPAL
HEATGHPVVDRNLAILRKFLSSATMRWGPPQSIVVELGGGSAGGYAAVALRDRLLSYGEKNGVAQVAVFRGGVTAEARRW
LDISIERLFSRVAIFAQSTSTKRLDRRHHAVDAVVLTTLTPGVAKTLADARSRRVSAEFWRRPSDVNRHSTEEPQSPAYR
QWKESCSGLGDLLISTAARDSIAVAAPLRLRPTGALHEETLRAFSEHTVGAAWKGAELRRIVEPEVYAAFLALTDPGGRF
LKVSPSEDVLPADENRHIVLSDRVLGPRDRVKLFPDDRGSIRVRGGAAYIASFHHARVFRWGSSHSPSFALLRVSLADLA
VAGLLRDGVDVFTAELPPWTPAWRYASIALVKAVESGDAKQVGWLVPGDELDFGPEGVTTAAGDLSMFLKYFPERHWVVT
GFEDDKRINLKPAFLSAEQAEVLRTERSDRPDTLTEAGEILAQFFPRCWRATVAKVLCHPGLTVIRRTALGQPRWRRGHL
PYSWRPWSADPWSTAEL
;
A
2 'polyribonucleotide'
;(GTP)GAUGGCAAGAUCCUGGUAUGCUGGGGAGCCUGAAAAGGCUACCUAGCAAGACCCCUUCGUGGGGUCGCAUUCUUC
ACCCCCAGCAGGGGGUUC
;
B
3 'polydeoxyribonucleotide'
;(DC)(DG)(DC)(DC)(DA)(DG)(DG)(DT)(DA)(DT)(DA)(DT)(DA)(DC)(DC)(DA)(DG)(DG)(DA)(DT)
(DC)(DT)(DT)(DG)(DC)(DC)(DA)(DT)(DC)(DC)
;
C
4 'polydeoxyribonucleotide' (DA)(DT)(DA)(DC)(DC)(DT)(DG)(DG)(DC)(DG) D
#
# COMPACT_ATOMS: atom_id res chain seq x y z
N GLY A 7 -30.06 25.50 2.90
CA GLY A 7 -29.24 26.19 1.91
C GLY A 7 -29.07 25.42 0.61
N THR A 8 -29.88 24.38 0.43
CA THR A 8 -29.83 23.51 -0.75
C THR A 8 -31.13 23.63 -1.54
N VAL A 9 -31.00 23.93 -2.83
CA VAL A 9 -32.15 24.04 -3.72
C VAL A 9 -32.40 22.67 -4.37
N PRO A 10 -33.58 22.07 -4.15
CA PRO A 10 -33.83 20.71 -4.65
C PRO A 10 -34.03 20.68 -6.16
N VAL A 11 -33.28 19.81 -6.84
CA VAL A 11 -33.38 19.60 -8.28
C VAL A 11 -33.29 18.10 -8.57
N THR A 12 -34.04 17.64 -9.58
CA THR A 12 -34.00 16.24 -10.03
C THR A 12 -32.74 16.00 -10.88
N TRP A 13 -31.80 15.19 -10.37
CA TRP A 13 -30.57 14.96 -11.12
C TRP A 13 -30.08 13.51 -10.95
N ARG A 14 -29.10 13.15 -11.77
CA ARG A 14 -28.52 11.82 -11.81
C ARG A 14 -27.00 11.93 -11.73
N LEU A 15 -26.37 10.94 -11.10
CA LEU A 15 -24.92 10.90 -10.89
C LEU A 15 -24.26 9.83 -11.75
N GLY A 16 -23.15 10.19 -12.37
CA GLY A 16 -22.38 9.26 -13.18
C GLY A 16 -20.91 9.17 -12.78
N VAL A 17 -20.40 7.95 -12.67
CA VAL A 17 -19.05 7.67 -12.20
C VAL A 17 -18.36 6.77 -13.22
N ASP A 18 -17.15 7.16 -13.64
CA ASP A 18 -16.33 6.37 -14.57
C ASP A 18 -15.00 6.11 -13.87
N VAL A 19 -14.82 4.91 -13.35
CA VAL A 19 -13.65 4.60 -12.54
C VAL A 19 -12.54 4.07 -13.42
N GLY A 20 -11.40 4.74 -13.38
CA GLY A 20 -10.21 4.30 -14.05
C GLY A 20 -9.13 3.86 -13.07
N GLU A 21 -8.04 3.37 -13.65
CA GLU A 21 -6.92 2.88 -12.85
C GLU A 21 -6.20 4.02 -12.13
N ARG A 22 -6.10 5.19 -12.77
CA ARG A 22 -5.42 6.34 -12.22
C ARG A 22 -6.29 7.59 -12.28
N SER A 23 -7.59 7.45 -12.44
CA SER A 23 -8.45 8.62 -12.62
C SER A 23 -9.89 8.23 -12.34
N ILE A 24 -10.74 9.24 -12.17
CA ILE A 24 -12.16 9.01 -11.94
C ILE A 24 -12.94 10.18 -12.55
N GLY A 25 -13.93 9.85 -13.37
CA GLY A 25 -14.78 10.85 -13.98
C GLY A 25 -16.11 10.92 -13.24
N LEU A 26 -16.45 12.10 -12.78
CA LEU A 26 -17.66 12.31 -11.99
C LEU A 26 -18.53 13.33 -12.70
N ALA A 27 -19.85 13.11 -12.66
CA ALA A 27 -20.77 14.03 -13.30
C ALA A 27 -22.12 14.06 -12.60
N ALA A 28 -22.66 15.27 -12.44
CA ALA A 28 -24.01 15.50 -11.97
C ALA A 28 -24.78 16.17 -13.10
N VAL A 29 -25.88 15.53 -13.52
CA VAL A 29 -26.66 15.94 -14.69
C VAL A 29 -28.14 16.02 -14.31
N SER A 30 -28.77 17.17 -14.59
CA SER A 30 -30.18 17.37 -14.28
C SER A 30 -31.02 16.86 -15.42
N TYR A 31 -32.15 16.23 -15.06
CA TYR A 31 -33.06 15.70 -16.05
C TYR A 31 -34.42 16.39 -16.00
N GLU A 32 -35.09 16.36 -17.15
CA GLU A 32 -36.39 16.95 -17.45
C GLU A 32 -37.48 15.95 -17.10
N GLU A 33 -37.41 14.72 -17.62
CA GLU A 33 -38.55 13.83 -17.65
C GLU A 33 -38.10 12.38 -17.72
N ASP A 34 -37.43 11.98 -18.81
CA ASP A 34 -36.05 11.49 -18.76
C ASP A 34 -35.22 12.15 -19.87
N LYS A 35 -35.03 13.46 -19.77
CA LYS A 35 -34.23 14.19 -20.74
C LYS A 35 -33.23 15.11 -20.07
N PRO A 36 -31.94 15.00 -20.37
CA PRO A 36 -30.90 15.84 -19.74
C PRO A 36 -30.91 17.31 -20.11
N LYS A 37 -31.21 18.24 -19.18
CA LYS A 37 -31.19 19.63 -19.63
C LYS A 37 -29.84 20.35 -19.40
N GLU A 38 -29.27 20.35 -18.20
CA GLU A 38 -27.97 21.00 -18.03
C GLU A 38 -27.00 20.14 -17.24
N ILE A 39 -25.74 20.17 -17.64
CA ILE A 39 -24.64 19.48 -16.94
C ILE A 39 -24.25 20.35 -15.73
N LEU A 40 -24.75 19.99 -14.55
CA LEU A 40 -24.42 20.75 -13.34
C LEU A 40 -22.93 20.72 -13.07
N ALA A 41 -22.34 19.52 -13.07
CA ALA A 41 -20.90 19.45 -12.85
C ALA A 41 -20.35 18.22 -13.55
N ALA A 42 -19.09 18.31 -13.96
CA ALA A 42 -18.43 17.23 -14.70
C ALA A 42 -16.93 17.46 -14.54
N VAL A 43 -16.30 16.63 -13.71
CA VAL A 43 -14.87 16.76 -13.45
C VAL A 43 -14.22 15.39 -13.54
N SER A 44 -12.97 15.37 -14.01
CA SER A 44 -12.18 14.15 -14.03
C SER A 44 -10.99 14.37 -13.11
N TRP A 45 -11.00 13.69 -11.97
CA TRP A 45 -9.90 13.75 -11.02
C TRP A 45 -8.83 12.74 -11.37
N ILE A 46 -7.59 13.17 -11.26
CA ILE A 46 -6.42 12.36 -11.59
C ILE A 46 -5.75 12.01 -10.28
N HIS A 47 -5.92 10.79 -9.82
CA HIS A 47 -5.20 10.35 -8.65
C HIS A 47 -4.02 9.48 -9.06
N ASP A 48 -3.34 8.91 -8.07
CA ASP A 48 -2.11 8.18 -8.32
C ASP A 48 -2.24 6.67 -8.15
N GLY A 49 -3.43 6.17 -7.85
CA GLY A 49 -3.59 4.76 -7.57
C GLY A 49 -2.95 4.29 -6.28
N GLY A 50 -2.53 5.20 -5.41
CA GLY A 50 -1.89 4.81 -4.19
C GLY A 50 -0.44 4.41 -4.34
N VAL A 51 0.16 4.62 -5.51
CA VAL A 51 1.54 4.22 -5.75
C VAL A 51 2.47 5.22 -5.08
N GLY A 52 3.41 4.70 -4.29
CA GLY A 52 4.36 5.53 -3.56
C GLY A 52 5.66 5.69 -4.31
N ASP A 53 6.25 4.57 -4.73
CA ASP A 53 7.41 4.58 -5.63
C ASP A 53 6.89 4.22 -7.01
N GLU A 54 6.82 5.20 -7.90
CA GLU A 54 6.22 4.95 -9.19
C GLU A 54 6.97 3.88 -9.97
N ARG A 55 8.28 3.77 -9.73
CA ARG A 55 9.11 2.84 -10.51
C ARG A 55 8.92 1.41 -10.03
N SER A 56 8.99 1.19 -8.71
CA SER A 56 8.70 -0.14 -8.16
C SER A 56 7.26 -0.55 -8.41
N GLY A 57 6.33 0.40 -8.25
CA GLY A 57 4.92 0.11 -8.28
C GLY A 57 4.37 -0.18 -6.91
N ALA A 58 5.22 -0.14 -5.89
CA ALA A 58 4.76 -0.42 -4.55
C ALA A 58 3.82 0.68 -4.08
N SER A 59 2.77 0.29 -3.39
CA SER A 59 1.87 1.31 -2.89
C SER A 59 2.53 2.05 -1.73
N ARG A 60 1.99 3.24 -1.43
CA ARG A 60 2.46 4.01 -0.28
C ARG A 60 2.30 3.21 0.99
N LEU A 61 1.13 2.57 1.13
CA LEU A 61 0.81 1.74 2.28
C LEU A 61 1.80 0.62 2.46
N ALA A 62 2.17 -0.04 1.35
CA ALA A 62 3.11 -1.16 1.41
C ALA A 62 4.49 -0.71 1.83
N LEU A 63 4.98 0.38 1.24
CA LEU A 63 6.30 0.90 1.59
C LEU A 63 6.35 1.28 3.06
N ARG A 64 5.27 1.89 3.56
CA ARG A 64 5.21 2.18 4.99
C ARG A 64 5.30 0.91 5.82
N GLY A 65 4.51 -0.10 5.48
CA GLY A 65 4.53 -1.34 6.25
C GLY A 65 5.88 -2.02 6.22
N MET A 66 6.53 -2.00 5.06
CA MET A 66 7.87 -2.58 4.96
C MET A 66 8.82 -1.87 5.91
N ALA A 67 8.79 -0.53 5.92
CA ALA A 67 9.66 0.22 6.84
C ALA A 67 9.34 -0.09 8.31
N ARG A 68 8.06 -0.20 8.63
CA ARG A 68 7.66 -0.50 10.01
C ARG A 68 8.21 -1.85 10.45
N ARG A 69 7.99 -2.87 9.63
CA ARG A 69 8.46 -4.20 9.98
C ARG A 69 9.98 -4.25 10.03
N ALA A 70 10.66 -3.46 9.19
CA ALA A 70 12.11 -3.40 9.30
C ALA A 70 12.54 -2.84 10.64
N ARG A 71 11.86 -1.78 11.12
CA ARG A 71 12.23 -1.23 12.42
C ARG A 71 12.09 -2.30 13.49
N ARG A 72 10.98 -3.04 13.47
CA ARG A 72 10.75 -4.03 14.52
C ARG A 72 11.68 -5.22 14.40
N LEU A 73 12.07 -5.59 13.18
CA LEU A 73 13.08 -6.63 13.02
C LEU A 73 14.39 -6.21 13.67
N ARG A 74 14.84 -4.97 13.39
CA ARG A 74 16.06 -4.46 13.99
C ARG A 74 15.95 -4.49 15.52
N ARG A 75 14.82 -4.07 16.06
CA ARG A 75 14.70 -3.98 17.51
C ARG A 75 14.74 -5.36 18.17
N PHE A 76 14.01 -6.32 17.61
CA PHE A 76 14.05 -7.66 18.17
C PHE A 76 15.43 -8.28 18.04
N ARG A 77 16.14 -7.99 16.95
CA ARG A 77 17.50 -8.49 16.81
C ARG A 77 18.42 -7.93 17.89
N ARG A 78 18.28 -6.63 18.18
CA ARG A 78 19.00 -6.04 19.30
C ARG A 78 18.73 -6.80 20.59
N ALA A 79 17.45 -7.10 20.83
CA ALA A 79 17.08 -7.76 22.08
C ALA A 79 17.69 -9.16 22.17
N ARG A 80 17.57 -9.95 21.09
CA ARG A 80 18.04 -11.33 21.23
C ARG A 80 19.56 -11.36 21.28
N LEU A 81 20.24 -10.43 20.61
CA LEU A 81 21.70 -10.42 20.70
C LEU A 81 22.18 -9.99 22.08
N ARG A 82 21.49 -9.04 22.72
CA ARG A 82 21.88 -8.71 24.08
C ARG A 82 21.58 -9.86 25.05
N ASP A 83 20.50 -10.61 24.81
CA ASP A 83 20.23 -11.80 25.61
C ASP A 83 21.27 -12.89 25.38
N LEU A 84 21.74 -13.02 24.14
CA LEU A 84 22.81 -13.97 23.83
C LEU A 84 24.09 -13.60 24.56
N ASP A 85 24.44 -12.31 24.54
CA ASP A 85 25.60 -11.86 25.29
C ASP A 85 25.47 -12.21 26.76
N MET A 86 24.28 -11.97 27.33
CA MET A 86 24.04 -12.37 28.71
C MET A 86 24.18 -13.88 28.92
N LEU A 87 23.82 -14.69 27.92
CA LEU A 87 23.93 -16.14 28.10
C LEU A 87 25.36 -16.62 27.98
N LEU A 88 26.17 -15.96 27.15
CA LEU A 88 27.54 -16.41 26.97
C LEU A 88 28.51 -15.54 27.76
N SER A 89 27.99 -14.81 28.74
CA SER A 89 28.84 -14.17 29.73
C SER A 89 28.99 -15.21 30.83
N GLU A 90 27.90 -15.47 31.54
CA GLU A 90 27.88 -16.45 32.63
C GLU A 90 28.40 -17.81 32.20
N LEU A 91 28.32 -18.12 30.91
CA LEU A 91 28.88 -19.37 30.41
C LEU A 91 30.41 -19.36 30.53
N GLY A 92 31.02 -18.22 30.25
CA GLY A 92 32.45 -18.07 30.35
C GLY A 92 33.10 -17.75 29.03
N TRP A 93 32.30 -17.55 27.99
CA TRP A 93 32.77 -17.32 26.65
C TRP A 93 32.87 -15.81 26.40
N THR A 94 33.41 -15.45 25.24
CA THR A 94 33.65 -14.03 24.96
C THR A 94 33.26 -13.74 23.52
N PRO A 95 32.35 -12.79 23.29
CA PRO A 95 31.93 -12.48 21.91
C PRO A 95 33.08 -11.88 21.13
N LEU A 96 32.87 -11.77 19.82
CA LEU A 96 33.81 -11.04 18.99
C LEU A 96 33.82 -9.59 19.39
N PRO A 97 34.95 -9.04 19.83
CA PRO A 97 34.98 -7.60 20.11
C PRO A 97 34.76 -6.81 18.84
N ASP A 98 34.30 -5.57 19.02
CA ASP A 98 33.95 -4.76 17.86
C ASP A 98 35.17 -4.37 17.04
N LYS A 99 36.34 -4.37 17.66
CA LYS A 99 37.54 -3.78 17.09
C LYS A 99 38.73 -4.68 17.35
N ASN A 100 39.81 -4.45 16.59
CA ASN A 100 41.14 -5.00 16.79
C ASN A 100 41.26 -6.51 16.55
N VAL A 101 40.23 -7.17 16.03
CA VAL A 101 40.37 -8.58 15.71
C VAL A 101 40.83 -8.77 14.27
N SER A 102 41.06 -10.02 13.90
CA SER A 102 41.35 -10.40 12.53
C SER A 102 40.06 -10.65 11.77
N PRO A 103 40.00 -10.25 10.50
CA PRO A 103 38.75 -10.45 9.75
C PRO A 103 38.34 -11.91 9.68
N VAL A 104 39.27 -12.84 9.87
CA VAL A 104 39.03 -14.26 9.64
C VAL A 104 39.12 -15.05 10.95
N ASP A 105 38.90 -14.39 12.08
CA ASP A 105 38.90 -15.11 13.36
C ASP A 105 37.63 -15.92 13.52
N ALA A 106 36.48 -15.34 13.19
CA ALA A 106 35.22 -16.03 13.38
C ALA A 106 35.21 -17.33 12.59
N TRP A 107 35.67 -17.29 11.34
CA TRP A 107 35.67 -18.48 10.50
C TRP A 107 36.74 -19.47 10.94
N LEU A 108 37.96 -18.99 11.21
CA LEU A 108 39.00 -19.89 11.70
C LEU A 108 38.53 -20.63 12.95
N ALA A 109 37.80 -19.93 13.82
CA ALA A 109 37.18 -20.53 14.99
C ALA A 109 36.21 -21.62 14.58
N ARG A 110 35.12 -21.21 13.92
CA ARG A 110 34.08 -22.14 13.51
C ARG A 110 34.59 -23.37 12.76
N LYS A 111 35.78 -23.31 12.14
CA LYS A 111 36.27 -24.51 11.48
C LYS A 111 37.21 -25.33 12.35
N ARG A 112 38.06 -24.68 13.17
CA ARG A 112 38.90 -25.44 14.08
C ARG A 112 38.06 -26.18 15.11
N LEU A 113 37.05 -25.49 15.66
CA LEU A 113 36.17 -26.11 16.63
C LEU A 113 35.48 -27.34 16.08
N ALA A 114 35.18 -27.36 14.78
CA ALA A 114 34.55 -28.49 14.14
C ALA A 114 35.54 -29.55 13.67
N GLU A 115 36.83 -29.24 13.62
CA GLU A 115 37.85 -30.21 13.21
C GLU A 115 38.59 -30.80 14.41
N GLU A 116 39.22 -29.95 15.21
CA GLU A 116 40.09 -30.37 16.31
C GLU A 116 39.40 -30.14 17.64
N TYR A 117 39.80 -30.94 18.64
CA TYR A 117 39.41 -30.69 20.03
C TYR A 117 40.39 -29.71 20.66
N VAL A 118 39.91 -28.50 20.97
CA VAL A 118 40.75 -27.51 21.63
C VAL A 118 40.93 -27.90 23.08
N VAL A 119 42.17 -27.83 23.57
CA VAL A 119 42.53 -28.38 24.88
C VAL A 119 42.50 -27.32 25.99
N ASP A 120 43.14 -26.16 25.78
CA ASP A 120 43.13 -25.11 26.79
C ASP A 120 41.70 -24.63 27.03
N GLU A 121 41.28 -24.58 28.30
CA GLU A 121 39.88 -24.26 28.58
C GLU A 121 39.59 -22.79 28.31
N THR A 122 40.55 -21.90 28.59
CA THR A 122 40.35 -20.49 28.30
C THR A 122 40.29 -20.25 26.79
N GLU A 123 41.25 -20.82 26.04
CA GLU A 123 41.23 -20.65 24.60
C GLU A 123 40.03 -21.34 23.97
N ARG A 124 39.57 -22.45 24.57
CA ARG A 124 38.34 -23.08 24.09
C ARG A 124 37.15 -22.16 24.30
N ARG A 125 37.02 -21.61 25.50
CA ARG A 125 35.88 -20.75 25.80
C ARG A 125 35.85 -19.52 24.92
N ARG A 126 37.00 -18.86 24.70
CA ARG A 126 36.94 -17.69 23.82
C ARG A 126 36.66 -18.09 22.38
N LEU A 127 37.23 -19.20 21.89
CA LEU A 127 36.94 -19.60 20.52
C LEU A 127 35.46 -19.96 20.33
N LEU A 128 34.86 -20.61 21.32
CA LEU A 128 33.43 -20.86 21.32
C LEU A 128 32.61 -19.57 21.34
N GLY A 129 33.02 -18.60 22.18
CA GLY A 129 32.30 -17.35 22.21
C GLY A 129 32.34 -16.64 20.88
N TYR A 130 33.52 -16.63 20.24
CA TYR A 130 33.62 -16.10 18.88
C TYR A 130 32.62 -16.80 17.97
N ALA A 131 32.61 -18.15 18.01
CA ALA A 131 31.80 -18.92 17.06
C ALA A 131 30.29 -18.67 17.26
N VAL A 132 29.80 -18.74 18.50
CA VAL A 132 28.36 -18.58 18.70
C VAL A 132 27.93 -17.13 18.48
N SER A 133 28.75 -16.17 18.93
CA SER A 133 28.44 -14.77 18.63
C SER A 133 28.25 -14.57 17.14
N HIS A 134 29.24 -15.00 16.36
CA HIS A 134 29.18 -14.84 14.92
C HIS A 134 28.00 -15.58 14.30
N MET A 135 27.73 -16.81 14.77
CA MET A 135 26.62 -17.58 14.21
C MET A 135 25.29 -16.89 14.46
N ALA A 136 25.10 -16.33 15.65
CA ALA A 136 23.85 -15.64 15.92
C ALA A 136 23.72 -14.39 15.07
N ARG A 137 24.86 -13.75 14.77
CA ARG A 137 24.81 -12.58 13.90
C ARG A 137 24.59 -12.94 12.44
N HIS A 138 24.80 -14.21 12.04
CA HIS A 138 24.68 -14.65 10.63
C HIS A 138 24.05 -16.06 10.59
N ARG A 139 22.79 -16.16 11.01
CA ARG A 139 22.24 -17.45 11.40
C ARG A 139 21.47 -18.17 10.31
N GLY A 140 21.19 -17.53 9.18
CA GLY A 140 20.49 -18.22 8.10
C GLY A 140 18.99 -18.20 8.24
N TRP A 141 18.32 -18.85 7.29
CA TRP A 141 16.89 -18.72 7.15
C TRP A 141 16.16 -19.97 7.64
N ARG A 142 14.91 -19.78 8.07
CA ARG A 142 14.04 -20.87 8.45
C ARG A 142 12.60 -20.39 8.37
N ASN A 143 11.66 -21.33 8.35
CA ASN A 143 10.23 -21.00 8.33
C ASN A 143 9.85 -20.33 9.65
N PRO A 144 9.30 -19.12 9.61
CA PRO A 144 8.98 -18.42 10.86
C PRO A 144 7.93 -19.13 11.68
N TRP A 145 7.08 -19.92 11.05
CA TRP A 145 6.00 -20.59 11.75
C TRP A 145 6.47 -21.81 12.52
N THR A 146 7.59 -22.41 12.12
CA THR A 146 8.10 -23.58 12.81
C THR A 146 8.84 -23.14 14.09
N THR A 147 9.22 -24.12 14.90
CA THR A 147 9.84 -23.89 16.20
C THR A 147 11.28 -24.37 16.21
N ILE A 148 11.99 -24.07 17.31
CA ILE A 148 13.36 -24.57 17.46
C ILE A 148 13.39 -26.10 17.56
N LYS A 149 12.49 -26.68 18.35
CA LYS A 149 12.35 -28.14 18.34
C LYS A 149 11.91 -28.65 16.97
N ASP A 150 11.27 -27.81 16.15
CA ASP A 150 10.99 -28.22 14.78
C ASP A 150 12.25 -28.16 13.93
N LEU A 151 13.07 -27.12 14.12
CA LEU A 151 14.33 -27.00 13.40
C LEU A 151 15.26 -28.18 13.68
N LYS A 152 15.26 -28.68 14.91
CA LYS A 152 16.11 -29.81 15.27
C LYS A 152 15.74 -31.06 14.50
N ASN A 153 14.49 -31.16 14.04
CA ASN A 153 13.98 -32.32 13.32
C ASN A 153 13.93 -32.10 11.82
N LEU A 154 15.00 -31.66 11.20
CA LEU A 154 15.08 -31.57 9.75
C LEU A 154 16.38 -32.23 9.30
N PRO A 155 16.46 -32.65 8.04
CA PRO A 155 17.71 -33.26 7.55
C PRO A 155 18.87 -32.28 7.71
N GLN A 156 19.90 -32.73 8.41
CA GLN A 156 21.09 -31.93 8.70
C GLN A 156 22.29 -32.74 8.24
N PRO A 157 23.01 -32.31 7.20
CA PRO A 157 22.87 -31.03 6.50
C PRO A 157 21.70 -30.93 5.52
N SER A 158 21.59 -29.76 4.89
CA SER A 158 20.54 -29.45 3.93
C SER A 158 20.78 -30.21 2.61
N ASP A 159 19.73 -30.36 1.82
CA ASP A 159 19.93 -30.82 0.45
C ASP A 159 20.67 -29.79 -0.37
N SER A 160 20.25 -28.52 -0.27
CA SER A 160 20.94 -27.45 -0.98
C SER A 160 22.39 -27.39 -0.56
N TRP A 161 22.67 -27.58 0.75
CA TRP A 161 24.05 -27.49 1.22
C TRP A 161 24.86 -28.70 0.76
N GLU A 162 24.25 -29.89 0.74
CA GLU A 162 24.98 -31.05 0.24
C GLU A 162 25.34 -30.87 -1.23
N ARG A 163 24.43 -30.30 -2.03
CA ARG A 163 24.76 -30.05 -3.43
C ARG A 163 25.83 -28.97 -3.58
N THR A 164 25.70 -27.86 -2.83
CA THR A 164 26.72 -26.81 -2.87
C THR A 164 28.08 -27.35 -2.44
N ARG A 165 28.10 -28.21 -1.43
CA ARG A 165 29.33 -28.76 -0.93
C ARG A 165 29.95 -29.74 -1.92
N GLU A 166 29.14 -30.54 -2.61
CA GLU A 166 29.68 -31.42 -3.64
C GLU A 166 30.23 -30.61 -4.81
N SER A 167 29.52 -29.55 -5.19
CA SER A 167 30.02 -28.63 -6.21
C SER A 167 31.35 -28.00 -5.80
N LEU A 168 31.45 -27.57 -4.55
CA LEU A 168 32.71 -26.97 -4.07
C LEU A 168 33.83 -28.01 -4.00
N GLU A 169 33.51 -29.24 -3.61
CA GLU A 169 34.52 -30.29 -3.53
C GLU A 169 35.09 -30.59 -4.91
N ALA A 170 34.23 -30.62 -5.93
CA ALA A 170 34.72 -30.86 -7.29
C ALA A 170 35.39 -29.62 -7.86
N ARG A 171 35.00 -28.44 -7.39
CA ARG A 171 35.48 -27.17 -7.94
C ARG A 171 36.85 -26.80 -7.41
N TYR A 172 37.09 -27.03 -6.12
CA TYR A 172 38.37 -26.73 -5.51
C TYR A 172 39.22 -27.98 -5.24
N SER A 173 38.79 -29.15 -5.75
CA SER A 173 39.60 -30.38 -5.76
C SER A 173 39.99 -30.84 -4.36
N VAL A 174 39.19 -30.49 -3.35
CA VAL A 174 39.45 -30.85 -1.96
C VAL A 174 38.13 -31.21 -1.32
N SER A 175 38.12 -32.27 -0.51
CA SER A 175 36.94 -32.64 0.26
C SER A 175 37.20 -32.37 1.74
N LEU A 176 36.23 -31.74 2.41
CA LEU A 176 36.38 -31.31 3.80
C LEU A 176 35.40 -32.08 4.69
N GLU A 177 35.94 -32.95 5.56
CA GLU A 177 35.14 -33.52 6.64
C GLU A 177 34.86 -32.46 7.69
N PRO A 178 33.61 -32.36 8.20
CA PRO A 178 32.43 -33.11 7.76
C PRO A 178 31.79 -32.80 6.38
N GLY A 179 31.68 -31.57 5.87
CA GLY A 179 32.21 -30.33 6.43
C GLY A 179 31.24 -29.17 6.50
N THR A 180 31.36 -28.39 7.57
CA THR A 180 30.42 -27.33 7.86
C THR A 180 30.57 -26.15 6.90
N VAL A 181 29.62 -25.21 6.98
CA VAL A 181 29.73 -24.05 6.09
C VAL A 181 30.77 -23.08 6.64
N GLY A 182 31.00 -23.10 7.96
CA GLY A 182 32.13 -22.37 8.50
C GLY A 182 33.45 -22.88 7.98
N GLN A 183 33.58 -24.19 7.83
CA GLN A 183 34.84 -24.75 7.34
C GLN A 183 35.13 -24.28 5.93
N TRP A 184 34.17 -24.44 5.03
CA TRP A 184 34.39 -24.01 3.65
C TRP A 184 34.60 -22.50 3.57
N ALA A 185 33.90 -21.73 4.41
CA ALA A 185 34.09 -20.29 4.36
C ALA A 185 35.50 -19.89 4.79
N GLY A 186 35.96 -20.41 5.93
CA GLY A 186 37.31 -20.07 6.38
C GLY A 186 38.39 -20.64 5.48
N TYR A 187 38.15 -21.82 4.91
CA TYR A 187 39.16 -22.39 4.01
C TYR A 187 39.23 -21.60 2.71
N LEU A 188 38.10 -21.13 2.18
CA LEU A 188 38.14 -20.33 0.96
C LEU A 188 38.63 -18.91 1.24
N LEU A 189 38.42 -18.39 2.45
CA LEU A 189 39.01 -17.09 2.79
C LEU A 189 40.51 -17.21 3.05
N GLN A 190 41.02 -18.43 3.21
CA GLN A 190 42.45 -18.67 3.29
C GLN A 190 43.05 -18.88 1.89
N ARG A 191 42.49 -19.83 1.13
CA ARG A 191 43.07 -20.22 -0.15
C ARG A 191 42.97 -19.11 -1.19
N ALA A 192 41.76 -18.72 -1.56
CA ALA A 192 41.54 -17.67 -2.54
C ALA A 192 41.03 -16.41 -1.86
N PRO A 193 41.91 -15.53 -1.38
CA PRO A 193 41.44 -14.36 -0.63
C PRO A 193 40.70 -13.38 -1.53
N GLY A 194 39.85 -12.57 -0.91
CA GLY A 194 39.04 -11.66 -1.67
C GLY A 194 37.80 -12.29 -2.26
N ILE A 195 37.48 -13.53 -1.88
CA ILE A 195 36.31 -14.24 -2.38
C ILE A 195 35.08 -13.74 -1.65
N ARG A 196 33.98 -13.57 -2.38
CA ARG A 196 32.71 -13.18 -1.78
C ARG A 196 31.89 -14.42 -1.44
N LEU A 197 31.36 -14.47 -0.22
CA LEU A 197 30.61 -15.64 0.25
C LEU A 197 29.24 -15.74 -0.41
N ASN A 198 28.29 -14.84 -0.06
CA ASN A 198 26.99 -14.95 -0.69
C ASN A 198 26.90 -14.04 -1.91
N PRO A 199 26.15 -14.43 -2.94
CA PRO A 199 26.09 -13.64 -4.17
C PRO A 199 25.25 -12.38 -4.00
N THR A 200 25.26 -11.57 -5.06
CA THR A 200 24.48 -10.35 -5.11
C THR A 200 24.38 -9.90 -6.56
N GLN A 201 23.32 -9.15 -6.85
CA GLN A 201 23.07 -8.61 -8.19
C GLN A 201 22.77 -7.12 -8.05
N GLN A 202 23.40 -6.31 -8.91
CA GLN A 202 23.24 -4.85 -8.89
C GLN A 202 23.24 -4.39 -10.36
N SER A 203 22.09 -4.54 -11.00
CA SER A 203 21.91 -4.18 -12.41
C SER A 203 20.90 -3.03 -12.55
N LEU A 210 28.49 -7.51 -12.32
CA LEU A 210 29.02 -7.39 -13.67
C LEU A 210 30.10 -8.46 -13.94
N SER A 211 31.06 -8.61 -13.00
CA SER A 211 32.20 -9.52 -13.22
C SER A 211 32.82 -9.88 -11.87
N ASN A 212 32.42 -11.03 -11.31
CA ASN A 212 33.04 -11.50 -10.07
C ASN A 212 32.60 -12.93 -9.80
N ALA A 213 33.39 -13.65 -8.99
CA ALA A 213 33.16 -15.05 -8.63
C ALA A 213 32.83 -15.15 -7.14
N THR A 214 31.67 -15.74 -6.81
CA THR A 214 31.26 -15.94 -5.43
C THR A 214 31.58 -17.37 -5.00
N ALA A 215 31.30 -17.68 -3.73
CA ALA A 215 31.55 -19.00 -3.16
C ALA A 215 30.29 -19.81 -2.84
N PHE A 216 29.11 -19.19 -2.85
CA PHE A 216 27.88 -19.89 -2.49
C PHE A 216 26.76 -19.44 -3.43
N GLU A 217 25.84 -20.37 -3.72
CA GLU A 217 24.71 -20.07 -4.60
C GLU A 217 23.50 -19.60 -3.81
N THR A 218 22.97 -20.48 -2.96
CA THR A 218 21.68 -20.25 -2.34
C THR A 218 21.84 -19.72 -0.91
N ARG A 219 20.73 -19.26 -0.36
CA ARG A 219 20.73 -18.82 1.03
C ARG A 219 20.99 -20.03 1.91
N LEU A 220 21.72 -19.82 2.99
CA LEU A 220 22.01 -20.93 3.87
C LEU A 220 20.87 -21.06 4.87
N ARG A 221 20.56 -22.30 5.22
CA ARG A 221 19.43 -22.62 6.06
C ARG A 221 19.85 -22.64 7.52
N GLN A 222 18.93 -22.25 8.41
CA GLN A 222 19.28 -22.30 9.83
C GLN A 222 19.60 -23.72 10.27
N GLU A 223 19.03 -24.71 9.60
CA GLU A 223 19.30 -26.11 9.90
C GLU A 223 20.77 -26.46 9.64
N ASP A 224 21.38 -25.87 8.61
CA ASP A 224 22.81 -26.05 8.38
C ASP A 224 23.64 -25.41 9.49
N VAL A 225 23.21 -24.23 9.97
CA VAL A 225 23.94 -23.58 11.04
C VAL A 225 23.80 -24.36 12.34
N LEU A 226 22.61 -24.90 12.61
CA LEU A 226 22.41 -25.77 13.77
C LEU A 226 23.23 -27.05 13.64
N TRP A 227 23.35 -27.57 12.42
CA TRP A 227 24.18 -28.74 12.20
C TRP A 227 25.63 -28.45 12.54
N GLU A 228 26.13 -27.29 12.11
CA GLU A 228 27.49 -26.90 12.45
C GLU A 228 27.64 -26.73 13.96
N LEU A 229 26.61 -26.19 14.61
CA LEU A 229 26.68 -26.01 16.05
C LEU A 229 26.76 -27.35 16.76
N ARG A 230 25.96 -28.34 16.35
CA ARG A 230 26.07 -29.64 17.00
C ARG A 230 27.38 -30.34 16.65
N CYS A 231 27.94 -30.12 15.47
CA CYS A 231 29.27 -30.66 15.20
C CYS A 231 30.27 -30.13 16.22
N ILE A 232 30.21 -28.82 16.49
CA ILE A 232 31.11 -28.23 17.48
C ILE A 232 30.81 -28.77 18.88
N ALA A 233 29.52 -28.98 19.20
CA ALA A 233 29.17 -29.50 20.51
C ALA A 233 29.73 -30.90 20.70
N ASP A 234 29.66 -31.74 19.66
CA ASP A 234 30.21 -33.08 19.75
C ASP A 234 31.74 -33.03 19.88
N VAL A 235 32.40 -32.27 19.01
CA VAL A 235 33.87 -32.29 19.00
C VAL A 235 34.43 -31.71 20.31
N GLN A 236 33.77 -30.70 20.87
CA GLN A 236 34.28 -30.04 22.07
C GLN A 236 33.72 -30.59 23.36
N GLY A 237 32.83 -31.57 23.30
CA GLY A 237 32.29 -32.18 24.49
C GLY A 237 31.54 -31.21 25.38
N LEU A 238 30.34 -30.86 24.97
CA LEU A 238 29.53 -29.90 25.69
C LEU A 238 28.30 -30.59 26.26
N PRO A 239 27.94 -30.36 27.52
CA PRO A 239 26.78 -31.05 28.09
C PRO A 239 25.49 -30.68 27.38
N GLU A 240 24.51 -31.57 27.50
CA GLU A 240 23.19 -31.36 26.91
C GLU A 240 22.60 -30.02 27.34
N ASP A 241 22.81 -29.65 28.61
CA ASP A 241 22.28 -28.42 29.19
C ASP A 241 22.66 -27.21 28.35
N VAL A 242 23.96 -26.88 28.35
CA VAL A 242 24.40 -25.63 27.73
C VAL A 242 24.20 -25.65 26.23
N VAL A 243 24.32 -26.81 25.58
CA VAL A 243 24.16 -26.83 24.13
C VAL A 243 22.70 -26.56 23.77
N SER A 244 21.75 -27.18 24.48
CA SER A 244 20.35 -26.88 24.23
C SER A 244 20.06 -25.41 24.48
N ASN A 245 20.60 -24.85 25.57
CA ASN A 245 20.32 -23.46 25.88
C ASN A 245 20.88 -22.52 24.81
N VAL A 246 22.10 -22.76 24.36
CA VAL A 246 22.68 -21.81 23.39
C VAL A 246 22.00 -21.94 22.03
N ILE A 247 21.53 -23.14 21.64
CA ILE A 247 20.77 -23.18 20.39
C ILE A 247 19.44 -22.46 20.54
N ASP A 248 18.75 -22.63 21.67
CA ASP A 248 17.54 -21.81 21.87
C ASP A 248 17.84 -20.32 21.90
N ALA A 249 19.09 -19.93 22.20
CA ALA A 249 19.45 -18.51 22.24
C ALA A 249 19.80 -17.95 20.86
N VAL A 250 20.54 -18.72 20.05
CA VAL A 250 20.97 -18.24 18.75
C VAL A 250 19.84 -18.28 17.73
N PHE A 251 19.00 -19.31 17.77
CA PHE A 251 17.93 -19.43 16.80
C PHE A 251 16.59 -18.93 17.36
N CYS A 252 16.63 -18.06 18.35
CA CYS A 252 15.42 -17.52 18.95
C CYS A 252 14.74 -16.57 17.96
N GLN A 253 13.49 -16.86 17.64
CA GLN A 253 12.76 -16.11 16.62
C GLN A 253 11.33 -15.90 17.11
N LYS A 254 10.84 -14.66 17.02
CA LYS A 254 9.48 -14.41 17.42
C LYS A 254 8.50 -15.10 16.48
N ARG A 255 7.44 -15.61 17.03
CA ARG A 255 6.54 -16.38 16.18
C ARG A 255 5.54 -15.46 15.51
N PRO A 256 5.34 -15.59 14.20
CA PRO A 256 4.45 -14.65 13.50
C PRO A 256 3.03 -14.76 14.02
N SER A 257 2.22 -13.76 13.70
CA SER A 257 0.91 -13.66 14.31
C SER A 257 0.08 -12.68 13.50
N VAL A 258 -1.24 -12.80 13.63
CA VAL A 258 -2.11 -11.76 13.11
C VAL A 258 -2.47 -10.88 14.30
N PRO A 259 -2.50 -9.57 14.16
CA PRO A 259 -2.99 -8.75 15.28
C PRO A 259 -4.50 -8.88 15.42
N ALA A 260 -4.97 -8.78 16.66
CA ALA A 260 -6.39 -8.94 16.94
C ALA A 260 -7.23 -7.87 16.26
N GLU A 261 -6.60 -6.80 15.81
CA GLU A 261 -7.31 -5.68 15.18
C GLU A 261 -7.69 -5.98 13.74
N ARG A 262 -7.13 -7.02 13.14
CA ARG A 262 -7.32 -7.29 11.73
C ARG A 262 -8.29 -8.43 11.45
N ILE A 263 -8.93 -8.95 12.48
CA ILE A 263 -9.99 -9.94 12.31
C ILE A 263 -11.32 -9.21 12.23
N GLY A 264 -12.17 -9.63 11.28
CA GLY A 264 -13.49 -9.04 11.18
C GLY A 264 -14.31 -9.27 12.43
N ARG A 265 -15.32 -8.44 12.61
CA ARG A 265 -16.22 -8.59 13.75
C ARG A 265 -17.56 -9.17 13.32
N ASP A 266 -18.23 -9.79 14.28
CA ASP A 266 -19.54 -10.41 14.07
C ASP A 266 -20.63 -9.36 13.81
N PRO A 267 -21.35 -9.41 12.67
CA PRO A 267 -22.38 -8.40 12.43
C PRO A 267 -23.56 -8.47 13.39
N LEU A 268 -23.84 -9.62 13.99
CA LEU A 268 -24.93 -9.74 14.94
C LEU A 268 -24.52 -9.32 16.34
N ASP A 269 -23.22 -9.39 16.65
CA ASP A 269 -22.66 -8.92 17.91
C ASP A 269 -21.31 -8.28 17.59
N PRO A 270 -21.29 -6.97 17.28
CA PRO A 270 -20.02 -6.30 16.92
C PRO A 270 -19.00 -6.25 18.04
N SER A 271 -19.37 -6.71 19.24
CA SER A 271 -18.44 -6.84 20.36
C SER A 271 -17.59 -8.10 20.28
N GLN A 272 -17.85 -8.98 19.31
CA GLN A 272 -17.20 -10.28 19.23
C GLN A 272 -16.48 -10.45 17.89
N LEU A 273 -15.37 -11.15 17.91
CA LEU A 273 -14.60 -11.41 16.70
C LEU A 273 -15.10 -12.65 15.96
N ARG A 274 -14.91 -12.64 14.65
CA ARG A 274 -15.18 -13.79 13.81
C ARG A 274 -14.51 -15.01 14.40
N ALA A 275 -15.23 -16.12 14.47
CA ALA A 275 -14.64 -17.34 15.02
C ALA A 275 -13.76 -18.02 13.98
N SER A 276 -12.93 -18.95 14.46
CA SER A 276 -12.16 -19.77 13.55
C SER A 276 -13.06 -20.84 12.93
N ARG A 277 -12.74 -21.21 11.69
CA ARG A 277 -13.51 -22.26 11.05
C ARG A 277 -13.33 -23.58 11.78
N ALA A 278 -12.14 -23.84 12.31
CA ALA A 278 -11.91 -25.06 13.06
C ALA A 278 -12.73 -25.14 14.34
N CYS A 279 -13.47 -24.08 14.67
CA CYS A 279 -14.17 -24.02 15.94
C CYS A 279 -15.20 -25.13 16.05
N LEU A 280 -15.28 -25.72 17.25
CA LEU A 280 -16.25 -26.78 17.49
C LEU A 280 -17.67 -26.24 17.47
N GLU A 281 -17.86 -25.02 17.98
CA GLU A 281 -19.16 -24.36 17.92
C GLU A 281 -19.62 -24.21 16.49
N PHE A 282 -18.71 -23.88 15.57
CA PHE A 282 -19.11 -23.71 14.18
C PHE A 282 -19.48 -25.04 13.53
N GLN A 283 -18.74 -26.09 13.84
CA GLN A 283 -19.06 -27.39 13.27
C GLN A 283 -20.46 -27.82 13.69
N GLU A 284 -20.77 -27.65 14.98
CA GLU A 284 -22.11 -28.00 15.43
C GLU A 284 -23.15 -27.08 14.78
N TYR A 285 -22.85 -25.78 14.69
CA TYR A 285 -23.78 -24.83 14.08
C TYR A 285 -24.09 -25.19 12.65
N ARG A 286 -23.08 -25.56 11.89
CA ARG A 286 -23.30 -25.90 10.49
C ARG A 286 -24.18 -27.14 10.37
N ILE A 287 -23.94 -28.14 11.21
CA ILE A 287 -24.78 -29.35 11.12
C ILE A 287 -26.22 -29.04 11.53
N VAL A 288 -26.40 -28.30 12.63
CA VAL A 288 -27.76 -28.00 13.11
C VAL A 288 -28.50 -27.10 12.12
N ALA A 289 -27.80 -26.18 11.45
CA ALA A 289 -28.46 -25.36 10.45
C ALA A 289 -28.80 -26.17 9.21
N ALA A 290 -27.93 -27.12 8.84
CA ALA A 290 -28.20 -27.93 7.66
C ALA A 290 -29.43 -28.78 7.86
N VAL A 291 -29.62 -29.30 9.08
CA VAL A 291 -30.79 -30.14 9.28
C VAL A 291 -32.04 -29.29 9.55
N ALA A 292 -31.89 -28.13 10.19
CA ALA A 292 -33.06 -27.32 10.50
C ALA A 292 -33.81 -26.88 9.26
N ASN A 293 -33.24 -27.03 8.08
CA ASN A 293 -33.88 -26.68 6.83
C ASN A 293 -34.46 -27.89 6.10
N LEU A 294 -34.53 -29.05 6.76
CA LEU A 294 -35.00 -30.28 6.13
C LEU A 294 -36.52 -30.41 6.22
N ARG A 295 -37.10 -31.03 5.19
CA ARG A 295 -38.53 -31.26 5.12
C ARG A 295 -38.77 -32.68 4.57
N ILE A 296 -39.84 -33.32 5.04
CA ILE A 296 -40.15 -34.72 4.69
C ILE A 296 -41.51 -34.79 4.01
N ARG A 297 -41.62 -35.65 2.99
CA ARG A 297 -42.85 -35.85 2.22
C ARG A 297 -43.97 -36.40 3.10
N ASP A 298 -45.10 -35.70 3.14
CA ASP A 298 -46.27 -36.14 3.90
C ASP A 298 -47.55 -35.98 3.06
N GLY A 299 -47.51 -36.46 1.82
CA GLY A 299 -48.60 -36.25 0.90
C GLY A 299 -48.05 -36.01 -0.48
N SER A 300 -48.33 -34.87 -1.15
CA SER A 300 -49.08 -33.69 -0.66
C SER A 300 -48.59 -33.14 0.66
N GLY A 301 -47.27 -33.24 0.89
CA GLY A 301 -46.64 -32.87 2.15
C GLY A 301 -46.62 -31.38 2.37
N SER A 302 -45.60 -30.87 3.06
CA SER A 302 -44.54 -31.67 3.64
C SER A 302 -44.57 -31.35 5.14
N ARG A 303 -43.64 -31.85 5.92
CA ARG A 303 -43.67 -31.62 7.35
C ARG A 303 -42.27 -31.26 7.84
N PRO A 304 -42.17 -30.60 9.00
CA PRO A 304 -40.86 -30.49 9.65
C PRO A 304 -40.46 -31.84 10.24
N LEU A 305 -39.18 -31.97 10.57
CA LEU A 305 -38.71 -33.19 11.21
C LEU A 305 -39.07 -33.22 12.68
N SER A 306 -39.41 -34.41 13.16
CA SER A 306 -39.68 -34.59 14.58
C SER A 306 -38.41 -34.36 15.39
N LEU A 307 -38.59 -34.00 16.65
CA LEU A 307 -37.45 -33.76 17.53
C LEU A 307 -36.52 -34.97 17.55
N GLU A 308 -37.10 -36.17 17.56
CA GLU A 308 -36.30 -37.40 17.56
C GLU A 308 -35.47 -37.52 16.29
N GLU A 309 -36.11 -37.38 15.12
CA GLU A 309 -35.39 -37.52 13.85
C GLU A 309 -34.29 -36.48 13.71
N ARG A 310 -34.58 -35.24 14.10
CA ARG A 310 -33.59 -34.19 13.98
C ARG A 310 -32.40 -34.46 14.89
N ASN A 311 -32.64 -34.85 16.15
CA ASN A 311 -31.52 -35.24 17.00
C ASN A 311 -30.78 -36.45 16.45
N ALA A 312 -31.51 -37.37 15.82
CA ALA A 312 -30.89 -38.57 15.26
C ALA A 312 -29.88 -38.21 14.17
N VAL A 313 -30.30 -37.37 13.22
CA VAL A 313 -29.38 -37.03 12.14
C VAL A 313 -28.29 -36.08 12.63
N ILE A 314 -28.58 -35.21 13.60
CA ILE A 314 -27.53 -34.36 14.15
C ILE A 314 -26.45 -35.21 14.81
N GLU A 315 -26.85 -36.18 15.64
CA GLU A 315 -25.85 -37.00 16.30
C GLU A 315 -25.13 -37.91 15.31
N ALA A 316 -25.84 -38.34 14.26
CA ALA A 316 -25.20 -39.17 13.24
C ALA A 316 -24.15 -38.40 12.47
N LEU A 317 -24.42 -37.12 12.19
CA LEU A 317 -23.42 -36.31 11.49
C LEU A 317 -22.27 -35.95 12.41
N LEU A 318 -22.54 -35.65 13.68
CA LEU A 318 -21.46 -35.28 14.58
C LEU A 318 -20.51 -36.44 14.83
N ALA A 319 -21.05 -37.66 14.91
CA ALA A 319 -20.21 -38.77 15.33
C ALA A 319 -19.29 -39.28 14.22
N GLN A 320 -19.63 -39.07 12.95
CA GLN A 320 -18.87 -39.72 11.89
C GLN A 320 -17.44 -39.18 11.79
N THR A 321 -16.53 -40.09 11.44
CA THR A 321 -15.10 -39.84 11.37
C THR A 321 -14.61 -39.50 9.96
N GLU A 322 -15.46 -39.66 8.95
CA GLU A 322 -15.17 -39.30 7.57
C GLU A 322 -16.38 -38.57 7.03
N ARG A 323 -16.21 -37.91 5.88
CA ARG A 323 -17.35 -37.24 5.23
C ARG A 323 -17.95 -38.18 4.17
N SER A 324 -18.62 -39.21 4.66
CA SER A 324 -19.16 -40.26 3.81
C SER A 324 -20.67 -40.21 3.66
N LEU A 325 -21.42 -39.87 4.71
CA LEU A 325 -22.88 -39.87 4.64
C LEU A 325 -23.41 -38.83 3.66
N THR A 326 -24.17 -39.31 2.68
CA THR A 326 -24.87 -38.46 1.72
C THR A 326 -26.26 -38.14 2.25
N TRP A 327 -27.00 -37.31 1.51
CA TRP A 327 -28.39 -37.05 1.90
C TRP A 327 -29.27 -38.25 1.59
N SER A 328 -28.95 -39.01 0.54
CA SER A 328 -29.65 -40.27 0.31
C SER A 328 -29.46 -41.22 1.47
N ASP A 329 -28.24 -41.25 2.02
CA ASP A 329 -27.98 -42.06 3.20
C ASP A 329 -28.78 -41.56 4.39
N ILE A 330 -28.92 -40.24 4.55
CA ILE A 330 -29.73 -39.72 5.64
C ILE A 330 -31.19 -40.14 5.46
N ALA A 331 -31.70 -39.98 4.23
CA ALA A 331 -33.12 -40.21 3.96
C ALA A 331 -33.48 -41.68 4.09
N LEU A 332 -32.55 -42.58 3.73
CA LEU A 332 -32.85 -44.00 3.77
C LEU A 332 -32.30 -44.66 5.05
N GLU A 333 -30.99 -44.57 5.28
CA GLU A 333 -30.32 -45.36 6.32
C GLU A 333 -30.61 -44.87 7.74
N ILE A 334 -31.06 -43.63 7.91
CA ILE A 334 -31.29 -43.04 9.23
C ILE A 334 -32.76 -42.73 9.46
N LEU A 335 -33.37 -41.99 8.54
CA LEU A 335 -34.78 -41.63 8.69
C LEU A 335 -35.69 -42.76 8.24
N LYS A 336 -35.14 -43.80 7.60
CA LYS A 336 -35.89 -44.99 7.21
C LYS A 336 -37.06 -44.64 6.29
N LEU A 337 -36.93 -43.55 5.53
CA LEU A 337 -37.94 -43.20 4.54
C LEU A 337 -37.84 -44.12 3.33
N PRO A 338 -38.95 -44.33 2.61
CA PRO A 338 -38.93 -45.35 1.54
C PRO A 338 -37.96 -45.06 0.40
N ASN A 339 -38.01 -43.86 -0.20
CA ASN A 339 -37.05 -43.52 -1.23
C ASN A 339 -36.46 -42.15 -0.95
N GLU A 340 -35.31 -41.90 -1.60
CA GLU A 340 -34.53 -40.70 -1.31
C GLU A 340 -35.31 -39.42 -1.64
N SER A 341 -36.27 -39.50 -2.56
CA SER A 341 -37.01 -38.31 -2.97
C SER A 341 -37.96 -37.79 -1.90
N ASP A 342 -38.10 -38.48 -0.76
CA ASP A 342 -39.02 -38.03 0.27
C ASP A 342 -38.44 -36.98 1.21
N LEU A 343 -37.20 -36.54 0.98
CA LEU A 343 -36.50 -35.58 1.82
C LEU A 343 -35.97 -34.45 0.96
N THR A 344 -36.33 -33.22 1.30
CA THR A 344 -35.82 -32.04 0.60
C THR A 344 -35.43 -30.98 1.61
N SER A 345 -34.98 -29.83 1.11
CA SER A 345 -34.56 -28.73 1.96
C SER A 345 -35.13 -27.43 1.40
N VAL A 346 -35.15 -26.41 2.26
CA VAL A 346 -35.57 -25.07 1.88
C VAL A 346 -34.57 -24.08 2.48
N PRO A 347 -33.93 -23.25 1.66
CA PRO A 347 -32.80 -22.45 2.16
C PRO A 347 -33.22 -21.10 2.72
N GLU A 348 -34.34 -20.57 2.22
CA GLU A 348 -34.80 -19.25 2.58
C GLU A 348 -36.25 -19.29 3.01
N GLU A 349 -36.64 -18.33 3.84
CA GLU A 349 -38.04 -18.16 4.19
C GLU A 349 -38.79 -17.69 2.95
N ASP A 350 -39.83 -18.42 2.59
CA ASP A 350 -40.61 -18.17 1.36
C ASP A 350 -39.72 -18.27 0.11
N GLY A 351 -39.03 -19.41 -0.02
CA GLY A 351 -38.18 -19.65 -1.16
C GLY A 351 -38.33 -21.05 -1.74
N PRO A 352 -37.65 -21.31 -2.85
CA PRO A 352 -37.75 -22.61 -3.53
C PRO A 352 -37.27 -23.77 -2.66
N SER A 353 -37.49 -24.98 -3.18
CA SER A 353 -37.16 -26.20 -2.45
C SER A 353 -36.49 -27.20 -3.38
N SER A 354 -35.28 -27.61 -3.01
CA SER A 354 -34.48 -28.57 -3.76
C SER A 354 -33.46 -29.19 -2.82
N LEU A 355 -32.87 -30.30 -3.26
CA LEU A 355 -31.79 -30.95 -2.52
C LEU A 355 -31.08 -31.96 -3.41
N ALA A 356 -29.78 -31.80 -3.63
CA ALA A 356 -29.00 -32.83 -4.31
C ALA A 356 -28.79 -34.04 -3.40
N TYR A 357 -29.32 -35.20 -3.81
CA TYR A 357 -29.28 -36.38 -2.94
C TYR A 357 -27.92 -37.06 -2.94
N SER A 358 -27.06 -36.76 -3.93
CA SER A 358 -25.74 -37.38 -4.02
C SER A 358 -24.69 -36.66 -3.16
N GLN A 359 -24.91 -35.38 -2.87
CA GLN A 359 -23.94 -34.58 -2.13
C GLN A 359 -23.80 -35.09 -0.70
N PHE A 360 -22.69 -34.73 -0.09
CA PHE A 360 -22.41 -35.14 1.27
C PHE A 360 -22.97 -34.13 2.24
N ALA A 361 -23.42 -34.62 3.39
CA ALA A 361 -23.86 -33.79 4.49
C ALA A 361 -22.63 -33.30 5.27
N PRO A 362 -22.73 -32.14 5.91
CA PRO A 362 -21.57 -31.64 6.65
C PRO A 362 -21.23 -32.55 7.82
N PHE A 363 -19.98 -32.50 8.25
CA PHE A 363 -19.55 -33.28 9.39
C PHE A 363 -18.58 -32.43 10.20
N ASP A 364 -18.33 -32.86 11.43
CA ASP A 364 -17.39 -32.17 12.30
C ASP A 364 -16.00 -32.56 11.83
N GLU A 365 -15.40 -31.72 10.99
CA GLU A 365 -14.09 -32.06 10.43
C GLU A 365 -12.97 -31.95 11.46
N THR A 366 -13.08 -31.04 12.43
CA THR A 366 -11.97 -30.93 13.38
C THR A 366 -11.96 -32.11 14.35
N SER A 367 -13.14 -32.53 14.84
CA SER A 367 -13.18 -33.70 15.72
C SER A 367 -12.72 -34.96 15.01
N ALA A 368 -12.98 -35.06 13.71
CA ALA A 368 -12.49 -36.21 12.95
C ALA A 368 -10.99 -36.12 12.71
N ARG A 369 -10.46 -34.91 12.45
CA ARG A 369 -9.02 -34.76 12.30
C ARG A 369 -8.30 -35.09 13.59
N ILE A 370 -8.84 -34.66 14.73
CA ILE A 370 -8.27 -35.03 16.01
C ILE A 370 -8.37 -36.54 16.22
N ALA A 371 -9.47 -37.15 15.76
CA ALA A 371 -9.63 -38.60 15.91
C ALA A 371 -8.58 -39.36 15.13
N GLU A 372 -8.36 -38.99 13.86
CA GLU A 372 -7.34 -39.68 13.07
C GLU A 372 -5.94 -39.39 13.60
N PHE A 373 -5.72 -38.18 14.14
CA PHE A 373 -4.41 -37.85 14.67
C PHE A 373 -4.10 -38.65 15.93
N ILE A 374 -5.11 -38.84 16.77
CA ILE A 374 -4.93 -39.66 17.96
C ILE A 374 -4.73 -41.11 17.57
N ALA A 375 -5.54 -41.61 16.63
CA ALA A 375 -5.43 -43.01 16.25
C ALA A 375 -4.10 -43.33 15.58
N LYS A 376 -3.53 -42.37 14.85
CA LYS A 376 -2.24 -42.58 14.23
C LYS A 376 -1.10 -42.37 15.23
N ASN A 377 -1.06 -41.20 15.86
CA ASN A 377 0.05 -40.84 16.74
C ASN A 377 -0.31 -40.98 18.22
N ARG A 378 -0.90 -42.10 18.63
CA ARG A 378 -1.37 -42.19 20.01
C ARG A 378 -0.22 -42.39 20.99
N ARG A 379 0.85 -43.06 20.56
CA ARG A 379 1.97 -43.26 21.48
C ARG A 379 2.50 -41.92 21.97
N LYS A 380 2.62 -40.95 21.05
CA LYS A 380 3.18 -39.64 21.35
C LYS A 380 2.27 -38.78 22.21
N ILE A 381 0.98 -39.10 22.30
CA ILE A 381 0.06 -38.26 23.07
C ILE A 381 -0.82 -39.13 23.96
N PRO A 382 -0.26 -39.78 24.99
CA PRO A 382 -1.12 -40.62 25.83
C PRO A 382 -2.08 -39.86 26.74
N THR A 383 -1.67 -38.77 27.39
CA THR A 383 -2.68 -38.16 28.26
C THR A 383 -3.69 -37.36 27.46
N PHE A 384 -3.26 -36.64 26.42
CA PHE A 384 -4.21 -35.90 25.60
C PHE A 384 -5.21 -36.84 24.97
N ALA A 385 -4.74 -38.01 24.53
CA ALA A 385 -5.65 -38.97 23.94
C ALA A 385 -6.73 -39.36 24.93
N GLN A 386 -6.32 -39.72 26.16
CA GLN A 386 -7.33 -40.02 27.16
C GLN A 386 -8.16 -38.80 27.52
N TRP A 387 -7.56 -37.61 27.49
CA TRP A 387 -8.30 -36.42 27.90
C TRP A 387 -9.47 -36.18 26.97
N TRP A 388 -9.18 -36.03 25.68
CA TRP A 388 -10.19 -35.79 24.68
C TRP A 388 -11.20 -36.94 24.61
N GLN A 389 -10.90 -38.06 25.28
CA GLN A 389 -11.86 -39.16 25.37
C GLN A 389 -13.03 -38.77 26.26
N GLU A 390 -12.78 -38.43 27.52
CA GLU A 390 -13.87 -38.30 28.49
C GLU A 390 -14.38 -36.88 28.69
N GLN A 391 -13.62 -35.86 28.30
CA GLN A 391 -14.09 -34.49 28.44
C GLN A 391 -15.30 -34.22 27.55
N ASP A 392 -16.29 -33.53 28.10
CA ASP A 392 -17.50 -33.17 27.36
C ASP A 392 -17.16 -32.09 26.33
N ARG A 393 -18.14 -31.78 25.48
CA ARG A 393 -17.89 -30.94 24.32
C ARG A 393 -17.73 -29.46 24.66
N THR A 394 -18.26 -28.99 25.79
CA THR A 394 -18.00 -27.61 26.15
C THR A 394 -16.54 -27.36 26.50
N SER A 395 -15.83 -28.36 27.03
CA SER A 395 -14.42 -28.18 27.36
C SER A 395 -13.54 -28.38 26.13
N ARG A 396 -13.91 -29.37 25.30
CA ARG A 396 -13.22 -29.58 24.03
C ARG A 396 -13.31 -28.34 23.16
N SER A 397 -14.43 -27.61 23.25
CA SER A 397 -14.60 -26.41 22.44
C SER A 397 -13.57 -25.35 22.80
N ASP A 398 -13.43 -25.07 24.10
CA ASP A 398 -12.44 -24.10 24.55
C ASP A 398 -11.03 -24.55 24.20
N LEU A 399 -10.76 -25.85 24.29
CA LEU A 399 -9.43 -26.33 23.94
C LEU A 399 -9.14 -26.13 22.46
N VAL A 400 -10.10 -26.46 21.59
CA VAL A 400 -9.88 -26.34 20.14
C VAL A 400 -9.73 -24.88 19.75
N ALA A 401 -10.49 -23.99 20.40
CA ALA A 401 -10.33 -22.57 20.10
C ALA A 401 -8.99 -22.04 20.60
N ALA A 402 -8.52 -22.55 21.73
CA ALA A 402 -7.18 -22.17 22.19
C ALA A 402 -6.10 -22.66 21.23
N LEU A 403 -6.25 -23.88 20.71
CA LEU A 403 -5.29 -24.37 19.72
C LEU A 403 -5.29 -23.51 18.47
N ALA A 404 -6.47 -23.09 18.02
CA ALA A 404 -6.55 -22.25 16.82
C ALA A 404 -6.01 -20.84 17.07
N ASP A 405 -6.35 -20.23 18.22
CA ASP A 405 -5.92 -18.87 18.53
C ASP A 405 -4.44 -18.77 18.96
N ASN A 406 -3.83 -19.83 19.47
CA ASN A 406 -2.38 -19.80 19.61
C ASN A 406 -1.68 -20.17 18.31
N SER A 407 -2.25 -21.09 17.53
CA SER A 407 -1.75 -21.38 16.18
C SER A 407 -1.88 -20.18 15.23
N ILE A 408 -2.65 -19.16 15.61
CA ILE A 408 -2.70 -17.85 14.94
C ILE A 408 -3.11 -16.87 16.02
N ALA A 409 -2.21 -15.95 16.39
CA ALA A 409 -2.40 -15.15 17.58
C ALA A 409 -3.44 -14.06 17.36
N GLY A 410 -4.15 -13.69 18.43
CA GLY A 410 -4.01 -14.32 19.73
C GLY A 410 -3.10 -13.56 20.68
N LEU A 416 -5.41 -21.48 26.92
CA LEU A 416 -4.04 -21.99 26.92
C LEU A 416 -3.85 -23.55 27.03
N LEU A 417 -4.58 -24.31 27.86
CA LEU A 417 -5.51 -23.86 28.91
C LEU A 417 -5.68 -24.74 30.15
N VAL A 418 -5.53 -26.07 30.08
CA VAL A 418 -5.58 -26.91 31.28
C VAL A 418 -4.57 -28.06 31.21
N HIS A 419 -3.78 -28.21 32.27
CA HIS A 419 -2.93 -29.35 32.63
C HIS A 419 -2.21 -29.94 31.41
N LEU A 420 -1.42 -29.06 30.78
CA LEU A 420 -0.73 -29.31 29.52
C LEU A 420 0.65 -29.89 29.78
N PRO A 421 0.91 -31.17 29.46
CA PRO A 421 2.31 -31.62 29.47
C PRO A 421 2.97 -31.22 28.16
N ASP A 422 4.28 -30.94 28.24
CA ASP A 422 4.99 -30.40 27.08
C ASP A 422 5.23 -31.47 26.01
N ALA A 423 5.62 -32.67 26.44
CA ALA A 423 6.01 -33.72 25.51
C ALA A 423 4.92 -34.00 24.47
N GLU A 424 3.67 -33.96 24.89
CA GLU A 424 2.58 -34.15 23.94
C GLU A 424 2.34 -32.86 23.16
N LEU A 425 2.49 -31.72 23.84
CA LEU A 425 2.20 -30.43 23.21
C LEU A 425 3.08 -30.14 22.01
N GLU A 426 4.31 -30.66 21.94
CA GLU A 426 5.00 -30.23 20.70
C GLU A 426 4.59 -31.08 19.51
N ALA A 427 3.98 -32.24 19.75
CA ALA A 427 3.35 -32.95 18.63
C ALA A 427 1.98 -32.39 18.32
N LEU A 428 1.27 -31.85 19.31
CA LEU A 428 -0.04 -31.28 19.05
C LEU A 428 0.01 -30.04 18.17
N GLU A 429 1.18 -29.46 17.93
CA GLU A 429 1.29 -28.34 17.00
C GLU A 429 1.48 -28.79 15.56
N GLY A 430 1.87 -30.05 15.34
CA GLY A 430 1.89 -30.65 14.04
C GLY A 430 0.53 -31.06 13.53
N LEU A 431 -0.53 -30.63 14.21
CA LEU A 431 -1.90 -30.92 13.81
C LEU A 431 -2.42 -29.84 12.89
N ALA A 432 -2.97 -30.26 11.74
CA ALA A 432 -3.54 -29.34 10.75
C ALA A 432 -5.05 -29.26 10.97
N LEU A 433 -5.51 -28.11 11.48
CA LEU A 433 -6.91 -27.81 11.69
C LEU A 433 -7.43 -26.89 10.59
N PRO A 434 -8.74 -26.87 10.37
CA PRO A 434 -9.31 -26.07 9.27
C PRO A 434 -8.93 -24.61 9.38
N SER A 435 -8.32 -24.08 8.32
CA SER A 435 -7.91 -22.68 8.30
C SER A 435 -9.06 -21.82 7.75
N GLY A 436 -9.02 -20.55 8.10
CA GLY A 436 -10.04 -19.60 7.69
C GLY A 436 -10.96 -19.23 8.84
N ARG A 437 -11.65 -18.11 8.68
CA ARG A 437 -12.56 -17.65 9.70
C ARG A 437 -13.99 -17.70 9.17
N VAL A 438 -14.97 -17.55 10.06
CA VAL A 438 -16.37 -17.66 9.66
C VAL A 438 -17.10 -16.36 9.99
N ALA A 439 -18.29 -16.23 9.41
CA ALA A 439 -19.02 -14.96 9.44
C ALA A 439 -19.41 -14.54 10.85
N TYR A 440 -19.72 -15.51 11.71
CA TYR A 440 -20.30 -15.24 13.01
C TYR A 440 -19.30 -15.59 14.10
N SER A 441 -19.48 -14.96 15.26
CA SER A 441 -18.61 -15.16 16.40
C SER A 441 -18.87 -16.53 17.03
N ARG A 442 -18.14 -16.82 18.11
CA ARG A 442 -18.25 -18.15 18.70
C ARG A 442 -19.47 -18.22 19.60
N LEU A 443 -19.65 -17.24 20.48
CA LEU A 443 -20.79 -17.24 21.37
C LEU A 443 -22.10 -17.09 20.60
N THR A 444 -22.05 -16.39 19.46
CA THR A 444 -23.23 -16.28 18.61
C THR A 444 -23.61 -17.63 18.03
N LEU A 445 -22.63 -18.39 17.52
CA LEU A 445 -22.91 -19.73 17.02
C LEU A 445 -23.49 -20.59 18.13
N SER A 446 -22.92 -20.53 19.32
CA SER A 446 -23.39 -21.38 20.41
C SER A 446 -24.84 -21.05 20.77
N GLY A 447 -25.18 -19.76 20.86
CA GLY A 447 -26.56 -19.39 21.17
C GLY A 447 -27.54 -19.73 20.06
N LEU A 448 -27.14 -19.51 18.80
CA LEU A 448 -28.01 -19.87 17.69
C LEU A 448 -28.28 -21.37 17.65
N THR A 449 -27.26 -22.19 17.94
CA THR A 449 -27.52 -23.63 17.99
C THR A 449 -28.43 -23.99 19.16
N ARG A 450 -28.27 -23.35 20.33
CA ARG A 450 -29.12 -23.76 21.45
C ARG A 450 -30.59 -23.47 21.13
N VAL A 451 -30.86 -22.34 20.47
CA VAL A 451 -32.26 -22.06 20.14
C VAL A 451 -32.75 -22.95 19.00
N MET A 452 -31.90 -23.23 18.00
CA MET A 452 -32.36 -24.11 16.92
C MET A 452 -32.60 -25.52 17.40
N ARG A 453 -31.84 -25.97 18.41
CA ARG A 453 -31.98 -27.33 18.90
C ARG A 453 -33.16 -27.45 19.86
N ASP A 454 -33.32 -26.47 20.75
CA ASP A 454 -34.39 -26.54 21.73
C ASP A 454 -35.75 -26.24 21.11
N ASP A 455 -35.81 -25.34 20.12
CA ASP A 455 -37.07 -24.90 19.54
C ASP A 455 -37.33 -25.47 18.14
N GLY A 456 -36.39 -26.24 17.58
CA GLY A 456 -36.52 -26.85 16.28
C GLY A 456 -36.92 -25.86 15.20
N VAL A 457 -36.05 -24.90 14.92
CA VAL A 457 -36.44 -23.74 14.14
C VAL A 457 -35.33 -23.40 13.16
N ASP A 458 -35.70 -22.76 12.04
CA ASP A 458 -34.75 -22.26 11.04
C ASP A 458 -33.68 -21.36 11.63
N VAL A 459 -32.63 -21.07 10.86
CA VAL A 459 -31.64 -20.11 11.31
C VAL A 459 -32.21 -18.70 11.29
N HIS A 460 -33.04 -18.39 10.29
CA HIS A 460 -33.58 -17.04 10.16
C HIS A 460 -34.53 -16.68 11.29
N ASN A 461 -35.17 -17.65 11.92
CA ASN A 461 -35.95 -17.36 13.11
C ASN A 461 -35.15 -17.49 14.41
N ALA A 462 -34.08 -18.28 14.40
CA ALA A 462 -33.18 -18.32 15.55
C ALA A 462 -32.49 -16.98 15.73
N ARG A 463 -32.13 -16.35 14.62
CA ARG A 463 -31.60 -14.99 14.63
C ARG A 463 -32.50 -14.07 15.43
N LYS A 464 -33.80 -14.07 15.10
CA LYS A 464 -34.74 -13.20 15.82
C LYS A 464 -34.86 -13.59 17.29
N THR A 465 -34.83 -14.89 17.59
CA THR A 465 -34.94 -15.29 19.00
C THR A 465 -33.77 -14.75 19.82
N CYS A 466 -32.55 -14.88 19.30
CA CYS A 466 -31.37 -14.45 20.05
C CYS A 466 -31.16 -12.94 20.02
N PHE A 467 -31.36 -12.30 18.86
CA PHE A 467 -31.21 -10.86 18.72
C PHE A 467 -32.45 -10.31 18.03
N GLY A 468 -32.77 -9.05 18.28
CA GLY A 468 -33.96 -8.52 17.65
C GLY A 468 -33.64 -8.06 16.25
N VAL A 469 -34.07 -8.81 15.23
CA VAL A 469 -33.73 -8.50 13.85
C VAL A 469 -34.93 -8.72 12.92
N ASP A 470 -35.08 -7.82 11.94
CA ASP A 470 -36.09 -7.92 10.90
C ASP A 470 -35.99 -9.25 10.16
N ASP A 471 -37.06 -9.58 9.43
CA ASP A 471 -37.13 -10.81 8.64
C ASP A 471 -37.49 -10.45 7.20
N ASN A 472 -36.57 -10.74 6.28
CA ASN A 472 -35.23 -11.17 6.64
C ASN A 472 -34.34 -9.93 6.62
N TRP A 473 -33.09 -10.06 7.04
CA TRP A 473 -32.19 -8.91 7.02
C TRP A 473 -30.80 -9.39 6.62
N ARG A 474 -30.21 -8.68 5.76
CA ARG A 474 -28.86 -8.97 5.32
C ARG A 474 -27.88 -8.28 6.25
N PRO A 475 -26.71 -8.86 6.48
CA PRO A 475 -25.70 -8.19 7.31
C PRO A 475 -25.38 -6.80 6.76
N PRO A 476 -25.18 -5.83 7.65
CA PRO A 476 -25.15 -4.42 7.22
C PRO A 476 -24.09 -4.14 6.17
N LEU A 477 -24.45 -3.37 5.16
CA LEU A 477 -23.54 -2.99 4.10
C LEU A 477 -22.65 -1.82 4.55
N PRO A 478 -21.40 -1.78 4.11
CA PRO A 478 -20.51 -0.68 4.51
C PRO A 478 -20.92 0.65 3.90
N ALA A 479 -20.53 1.74 4.59
CA ALA A 479 -20.85 3.09 4.16
C ALA A 479 -19.69 3.72 3.39
N LEU A 480 -19.93 4.92 2.86
CA LEU A 480 -18.93 5.61 2.05
C LEU A 480 -17.71 6.00 2.88
N HIS A 481 -17.91 6.40 4.13
CA HIS A 481 -16.81 6.88 4.95
C HIS A 481 -16.05 5.76 5.66
N GLU A 482 -16.02 4.56 5.08
CA GLU A 482 -15.23 3.48 5.65
C GLU A 482 -14.48 2.73 4.54
N ALA A 483 -13.18 2.54 4.76
CA ALA A 483 -12.22 2.20 3.74
C ALA A 483 -12.30 0.73 3.32
N THR A 484 -11.59 0.44 2.22
CA THR A 484 -11.52 -0.89 1.61
C THR A 484 -10.16 -1.53 1.79
N GLY A 485 -9.19 -0.82 2.37
CA GLY A 485 -7.84 -1.35 2.52
C GLY A 485 -7.02 -1.48 1.25
N HIS A 486 -7.66 -1.40 0.09
CA HIS A 486 -6.95 -1.48 -1.18
C HIS A 486 -6.62 -0.08 -1.67
N PRO A 487 -5.35 0.30 -1.78
CA PRO A 487 -5.03 1.70 -2.04
C PRO A 487 -5.53 2.22 -3.38
N VAL A 488 -5.69 1.35 -4.38
CA VAL A 488 -6.20 1.82 -5.66
C VAL A 488 -7.69 2.13 -5.58
N VAL A 489 -8.44 1.39 -4.77
CA VAL A 489 -9.89 1.61 -4.69
C VAL A 489 -10.21 2.80 -3.80
N ASP A 490 -9.33 3.10 -2.85
CA ASP A 490 -9.65 4.19 -1.93
C ASP A 490 -9.48 5.56 -2.58
N ARG A 491 -8.54 5.74 -3.49
CA ARG A 491 -8.47 7.03 -4.17
C ARG A 491 -9.80 7.34 -4.84
N ASN A 492 -10.36 6.36 -5.54
CA ASN A 492 -11.67 6.49 -6.16
C ASN A 492 -12.73 6.77 -5.11
N LEU A 493 -12.71 6.02 -4.01
CA LEU A 493 -13.72 6.20 -2.97
C LEU A 493 -13.68 7.60 -2.35
N ALA A 494 -12.48 8.09 -2.03
CA ALA A 494 -12.36 9.41 -1.42
C ALA A 494 -12.88 10.50 -2.35
N ILE A 495 -12.42 10.49 -3.60
CA ILE A 495 -12.89 11.51 -4.54
C ILE A 495 -14.40 11.41 -4.71
N LEU A 496 -14.93 10.17 -4.81
CA LEU A 496 -16.36 10.00 -5.05
C LEU A 496 -17.18 10.52 -3.88
N ARG A 497 -16.80 10.18 -2.64
CA ARG A 497 -17.65 10.60 -1.55
C ARG A 497 -17.57 12.10 -1.32
N LYS A 498 -16.41 12.73 -1.58
CA LYS A 498 -16.36 14.19 -1.50
C LYS A 498 -17.29 14.82 -2.54
N PHE A 499 -17.23 14.31 -3.78
CA PHE A 499 -18.10 14.82 -4.84
C PHE A 499 -19.57 14.64 -4.49
N LEU A 500 -19.95 13.47 -3.98
CA LEU A 500 -21.35 13.18 -3.75
C LEU A 500 -21.90 13.95 -2.56
N SER A 501 -21.08 14.13 -1.52
CA SER A 501 -21.50 14.97 -0.41
C SER A 501 -21.75 16.41 -0.88
N SER A 502 -20.79 16.97 -1.63
CA SER A 502 -20.95 18.34 -2.11
C SER A 502 -22.09 18.48 -3.11
N ALA A 503 -22.37 17.43 -3.87
CA ALA A 503 -23.48 17.47 -4.82
C ALA A 503 -24.83 17.42 -4.10
N THR A 504 -24.91 16.60 -3.04
CA THR A 504 -26.13 16.58 -2.25
C THR A 504 -26.32 17.88 -1.50
N MET A 505 -25.23 18.60 -1.21
CA MET A 505 -25.39 19.88 -0.52
C MET A 505 -25.78 21.00 -1.47
N ARG A 506 -25.15 21.07 -2.64
CA ARG A 506 -25.48 22.19 -3.53
C ARG A 506 -26.83 21.94 -4.22
N TRP A 507 -27.11 20.71 -4.63
CA TRP A 507 -28.34 20.40 -5.34
C TRP A 507 -29.17 19.47 -4.44
N GLY A 508 -30.07 18.71 -5.03
CA GLY A 508 -30.76 17.68 -4.27
C GLY A 508 -29.97 16.39 -4.21
N PRO A 509 -30.45 15.45 -3.39
CA PRO A 509 -29.95 14.08 -3.48
C PRO A 509 -30.29 13.48 -4.84
N PRO A 510 -29.41 12.68 -5.42
CA PRO A 510 -29.63 12.22 -6.80
C PRO A 510 -30.78 11.23 -6.89
N GLN A 511 -31.31 11.12 -8.12
CA GLN A 511 -32.38 10.17 -8.43
C GLN A 511 -31.83 8.81 -8.84
N SER A 512 -30.77 8.77 -9.65
CA SER A 512 -30.12 7.54 -10.06
C SER A 512 -28.61 7.71 -9.95
N ILE A 513 -27.92 6.57 -9.80
CA ILE A 513 -26.45 6.54 -9.72
C ILE A 513 -25.96 5.45 -10.67
N VAL A 514 -25.11 5.84 -11.63
CA VAL A 514 -24.53 4.94 -12.62
C VAL A 514 -23.02 4.92 -12.44
N VAL A 515 -22.41 3.73 -12.42
CA VAL A 515 -20.97 3.57 -12.22
C VAL A 515 -20.44 2.58 -13.26
N GLU A 516 -19.26 2.88 -13.82
CA GLU A 516 -18.62 1.98 -14.79
C GLU A 516 -17.18 1.68 -14.39
N LEU A 517 -16.77 0.43 -14.58
CA LEU A 517 -15.43 0.00 -14.19
C LEU A 517 -14.66 -0.54 -15.41
N GLY A 518 -13.35 -0.45 -15.34
CA GLY A 518 -12.46 -1.02 -16.35
C GLY A 518 -11.82 -2.34 -15.95
N SER A 521 -11.14 -8.88 -12.30
CA SER A 521 -11.32 -9.05 -10.85
C SER A 521 -10.53 -7.99 -10.08
N ALA A 522 -9.49 -7.45 -10.73
CA ALA A 522 -8.73 -6.35 -10.12
C ALA A 522 -9.63 -5.17 -9.81
N GLY A 523 -10.49 -4.80 -10.75
CA GLY A 523 -11.56 -3.87 -10.49
C GLY A 523 -12.90 -4.52 -10.22
N GLY A 524 -12.98 -5.86 -10.24
CA GLY A 524 -14.20 -6.53 -9.82
C GLY A 524 -14.46 -6.37 -8.33
N TYR A 525 -13.41 -6.50 -7.52
CA TYR A 525 -13.54 -6.13 -6.11
C TYR A 525 -13.90 -4.66 -5.98
N ALA A 526 -13.31 -3.81 -6.81
CA ALA A 526 -13.66 -2.39 -6.80
C ALA A 526 -15.13 -2.21 -7.12
N ALA A 527 -15.65 -3.02 -8.05
CA ALA A 527 -17.06 -2.98 -8.38
C ALA A 527 -17.90 -3.32 -7.16
N VAL A 528 -17.60 -4.44 -6.49
CA VAL A 528 -18.42 -4.85 -5.35
C VAL A 528 -18.37 -3.81 -4.24
N ALA A 529 -17.17 -3.30 -3.95
CA ALA A 529 -17.01 -2.35 -2.84
C ALA A 529 -17.77 -1.06 -3.11
N LEU A 530 -17.53 -0.45 -4.29
CA LEU A 530 -18.21 0.78 -4.65
C LEU A 530 -19.72 0.58 -4.71
N ARG A 531 -20.17 -0.56 -5.24
CA ARG A 531 -21.60 -0.82 -5.35
C ARG A 531 -22.24 -0.87 -3.98
N ASP A 532 -21.66 -1.65 -3.05
CA ASP A 532 -22.29 -1.79 -1.74
C ASP A 532 -22.31 -0.46 -1.00
N ARG A 533 -21.24 0.33 -1.10
CA ARG A 533 -21.23 1.60 -0.39
C ARG A 533 -22.27 2.56 -0.97
N LEU A 534 -22.42 2.56 -2.29
CA LEU A 534 -23.46 3.38 -2.88
C LEU A 534 -24.86 2.85 -2.58
N LEU A 535 -25.01 1.53 -2.37
CA LEU A 535 -26.30 0.97 -1.99
C LEU A 535 -26.71 1.41 -0.59
N SER A 536 -25.76 1.41 0.34
CA SER A 536 -26.06 1.95 1.67
C SER A 536 -26.43 3.43 1.57
N TYR A 537 -25.64 4.21 0.81
CA TYR A 537 -25.98 5.60 0.57
C TYR A 537 -27.38 5.76 0.00
N GLY A 538 -27.75 4.91 -0.95
CA GLY A 538 -29.04 5.05 -1.61
C GLY A 538 -30.21 4.70 -0.70
N GLU A 539 -30.12 3.58 0.01
CA GLU A 539 -31.22 3.26 0.92
C GLU A 539 -31.28 4.23 2.09
N LYS A 540 -30.21 5.00 2.33
CA LYS A 540 -30.27 6.06 3.33
C LYS A 540 -30.94 7.30 2.79
N ASN A 541 -30.45 7.83 1.65
CA ASN A 541 -30.93 9.07 1.07
C ASN A 541 -32.02 8.89 0.02
N GLY A 542 -32.38 7.65 -0.30
CA GLY A 542 -33.51 7.38 -1.18
C GLY A 542 -33.27 7.58 -2.67
N VAL A 543 -32.48 6.72 -3.29
CA VAL A 543 -32.24 6.77 -4.73
C VAL A 543 -32.93 5.56 -5.38
N ALA A 544 -33.64 5.82 -6.48
CA ALA A 544 -34.43 4.77 -7.11
C ALA A 544 -33.52 3.64 -7.60
N GLN A 545 -32.61 3.95 -8.52
CA GLN A 545 -31.76 2.94 -9.13
C GLN A 545 -30.29 3.30 -8.98
N VAL A 546 -29.49 2.28 -8.63
CA VAL A 546 -28.04 2.40 -8.54
C VAL A 546 -27.43 1.18 -9.22
N ALA A 547 -26.68 1.40 -10.29
CA ALA A 547 -26.17 0.32 -11.12
C ALA A 547 -24.69 0.48 -11.40
N VAL A 548 -23.99 -0.64 -11.52
CA VAL A 548 -22.60 -0.67 -11.97
C VAL A 548 -22.52 -1.51 -13.23
N PHE A 549 -21.54 -1.20 -14.07
CA PHE A 549 -21.41 -1.82 -15.38
C PHE A 549 -19.94 -2.11 -15.68
N ARG A 550 -19.72 -3.22 -16.38
CA ARG A 550 -18.43 -3.63 -16.90
C ARG A 550 -18.64 -4.09 -18.33
N GLY A 551 -17.81 -3.60 -19.25
CA GLY A 551 -16.75 -2.67 -18.93
C GLY A 551 -16.67 -1.48 -19.88
N GLY A 552 -17.10 -1.70 -21.12
CA GLY A 552 -16.97 -0.68 -22.15
C GLY A 552 -18.28 -0.19 -22.71
N VAL A 553 -19.26 -0.03 -21.82
CA VAL A 553 -20.60 0.38 -22.23
C VAL A 553 -20.58 1.79 -22.84
N THR A 554 -19.75 2.69 -22.30
CA THR A 554 -19.74 4.06 -22.80
C THR A 554 -19.17 4.16 -24.20
N ALA A 555 -18.20 3.33 -24.56
CA ALA A 555 -17.59 3.45 -25.88
C ALA A 555 -18.64 3.24 -26.98
N GLU A 556 -19.45 2.19 -26.85
CA GLU A 556 -20.54 1.97 -27.79
C GLU A 556 -21.63 3.03 -27.66
N ALA A 557 -21.99 3.41 -26.43
CA ALA A 557 -22.96 4.49 -26.25
C ALA A 557 -22.58 5.74 -27.03
N ARG A 558 -21.31 6.13 -26.94
CA ARG A 558 -20.80 7.30 -27.65
C ARG A 558 -20.72 7.03 -29.15
N ARG A 559 -19.77 6.19 -29.58
CA ARG A 559 -19.57 6.03 -31.03
C ARG A 559 -20.78 5.37 -31.77
N TRP A 560 -21.93 5.20 -31.12
CA TRP A 560 -23.20 4.98 -31.80
C TRP A 560 -24.16 6.13 -31.55
N LEU A 561 -23.69 7.17 -30.86
CA LEU A 561 -24.38 8.46 -30.78
C LEU A 561 -23.51 9.57 -31.36
N ASP A 562 -22.39 9.22 -31.99
CA ASP A 562 -21.50 10.12 -32.72
C ASP A 562 -20.92 11.20 -31.80
N ILE A 563 -20.28 10.75 -30.74
CA ILE A 563 -19.60 11.63 -29.79
C ILE A 563 -18.13 11.26 -29.88
N SER A 564 -17.36 12.08 -30.60
CA SER A 564 -15.94 11.85 -30.82
C SER A 564 -15.14 12.80 -29.93
N ILE A 565 -14.27 12.24 -29.09
CA ILE A 565 -13.61 13.06 -28.08
C ILE A 565 -12.54 13.95 -28.69
N GLU A 566 -11.89 13.51 -29.78
CA GLU A 566 -10.98 14.40 -30.51
C GLU A 566 -11.71 15.42 -31.37
N ARG A 567 -13.02 15.27 -31.55
CA ARG A 567 -13.84 16.25 -32.25
C ARG A 567 -14.64 17.11 -31.28
N LEU A 568 -15.03 16.55 -30.14
CA LEU A 568 -15.62 17.36 -29.06
C LEU A 568 -14.65 18.43 -28.58
N PHE A 569 -13.41 18.05 -28.30
CA PHE A 569 -12.35 18.99 -28.02
C PHE A 569 -11.50 19.10 -29.27
N SER A 570 -11.39 20.30 -29.82
CA SER A 570 -10.73 20.42 -31.11
C SER A 570 -9.25 20.12 -30.96
N ARG A 571 -8.88 18.84 -31.04
CA ARG A 571 -7.50 18.42 -30.88
C ARG A 571 -6.98 17.85 -32.18
N VAL A 572 -5.70 18.10 -32.44
CA VAL A 572 -5.10 17.83 -33.73
C VAL A 572 -4.94 16.32 -33.95
N ALA A 573 -4.87 15.94 -35.22
CA ALA A 573 -4.57 14.55 -35.53
C ALA A 573 -3.18 14.21 -35.00
N ILE A 574 -2.93 12.91 -34.83
CA ILE A 574 -1.79 12.51 -34.02
C ILE A 574 -0.96 11.49 -34.77
N PHE A 575 -1.61 10.56 -35.46
CA PHE A 575 -0.92 9.60 -36.29
C PHE A 575 -1.13 9.94 -37.76
N ALA A 576 -0.26 9.36 -38.60
CA ALA A 576 -0.33 9.52 -40.04
C ALA A 576 -1.46 8.62 -40.53
N GLN A 577 -2.51 8.49 -39.72
CA GLN A 577 -3.60 7.57 -39.97
C GLN A 577 -4.89 8.29 -39.62
N SER A 578 -6.01 7.57 -39.64
CA SER A 578 -7.27 8.12 -39.16
C SER A 578 -7.73 7.27 -37.97
N THR A 579 -6.94 7.26 -36.92
CA THR A 579 -7.25 6.53 -35.71
C THR A 579 -8.00 7.41 -34.70
N SER A 580 -8.62 6.75 -33.72
CA SER A 580 -9.40 7.44 -32.70
C SER A 580 -8.50 7.61 -31.47
N THR A 581 -8.17 8.88 -31.18
CA THR A 581 -7.31 9.28 -30.07
C THR A 581 -8.09 9.54 -28.77
N LYS A 582 -8.80 8.53 -28.26
CA LYS A 582 -9.74 8.85 -27.20
C LYS A 582 -9.07 8.97 -25.83
N ARG A 583 -8.08 8.13 -25.52
CA ARG A 583 -7.36 8.30 -24.25
C ARG A 583 -6.54 9.59 -24.20
N LEU A 584 -6.44 10.33 -25.30
CA LEU A 584 -5.51 11.46 -25.38
C LEU A 584 -5.84 12.56 -24.36
N ASP A 585 -7.06 13.07 -24.39
CA ASP A 585 -7.44 14.21 -23.56
C ASP A 585 -8.08 13.70 -22.27
N ARG A 586 -7.47 14.02 -21.12
CA ARG A 586 -7.88 13.44 -19.84
C ARG A 586 -9.30 13.84 -19.44
N ARG A 587 -9.95 14.67 -20.25
CA ARG A 587 -11.32 15.08 -19.97
C ARG A 587 -12.33 14.01 -20.38
N HIS A 588 -11.92 13.00 -21.14
CA HIS A 588 -12.85 11.98 -21.60
C HIS A 588 -13.48 11.21 -20.44
N HIS A 589 -12.75 11.03 -19.33
CA HIS A 589 -13.34 10.40 -18.15
C HIS A 589 -14.62 11.13 -17.73
N ALA A 590 -14.54 12.46 -17.66
CA ALA A 590 -15.71 13.26 -17.32
C ALA A 590 -16.84 13.04 -18.31
N VAL A 591 -16.55 13.09 -19.60
CA VAL A 591 -17.59 12.97 -20.62
C VAL A 591 -18.21 11.57 -20.61
N ASP A 592 -17.39 10.56 -20.30
CA ASP A 592 -17.93 9.24 -20.04
C ASP A 592 -18.94 9.28 -18.90
N ALA A 593 -18.59 9.93 -17.79
CA ALA A 593 -19.55 10.06 -16.69
C ALA A 593 -20.87 10.67 -17.17
N VAL A 594 -20.78 11.81 -17.87
CA VAL A 594 -21.99 12.52 -18.22
C VAL A 594 -22.87 11.66 -19.12
N VAL A 595 -22.24 10.87 -20.01
CA VAL A 595 -23.07 10.02 -20.85
C VAL A 595 -23.58 8.81 -20.07
N LEU A 596 -22.86 8.37 -19.03
CA LEU A 596 -23.36 7.29 -18.18
C LEU A 596 -24.64 7.65 -17.46
N THR A 597 -24.82 8.93 -17.13
CA THR A 597 -26.06 9.25 -16.39
C THR A 597 -27.33 8.98 -17.19
N THR A 598 -27.23 8.66 -18.49
CA THR A 598 -28.41 8.44 -19.31
C THR A 598 -28.84 6.98 -19.37
N LEU A 599 -28.18 6.10 -18.62
CA LEU A 599 -28.35 4.68 -18.79
C LEU A 599 -29.22 4.06 -17.71
N THR A 600 -29.86 2.96 -18.08
CA THR A 600 -30.57 2.04 -17.22
C THR A 600 -30.06 0.63 -17.51
N PRO A 601 -30.19 -0.29 -16.55
CA PRO A 601 -29.58 -1.63 -16.74
C PRO A 601 -29.94 -2.29 -18.06
N GLY A 602 -31.20 -2.19 -18.50
CA GLY A 602 -31.58 -2.80 -19.76
C GLY A 602 -30.85 -2.21 -20.97
N VAL A 603 -30.73 -0.88 -21.02
CA VAL A 603 -30.06 -0.24 -22.16
C VAL A 603 -28.58 -0.63 -22.21
N ALA A 604 -27.91 -0.67 -21.05
CA ALA A 604 -26.52 -1.12 -21.02
C ALA A 604 -26.41 -2.58 -21.42
N LYS A 605 -27.35 -3.41 -20.96
CA LYS A 605 -27.58 -4.79 -21.38
C LYS A 605 -27.51 -4.94 -22.89
N THR A 606 -28.47 -4.29 -23.56
CA THR A 606 -28.60 -4.43 -25.01
C THR A 606 -27.47 -3.77 -25.77
N LEU A 607 -26.77 -2.81 -25.16
CA LEU A 607 -25.63 -2.23 -25.87
C LEU A 607 -24.38 -3.11 -25.74
N ALA A 608 -24.12 -3.58 -24.51
CA ALA A 608 -22.93 -4.39 -24.26
C ALA A 608 -23.00 -5.70 -25.03
N ASP A 609 -24.19 -6.28 -25.18
CA ASP A 609 -24.27 -7.48 -26.02
C ASP A 609 -23.78 -7.19 -27.44
N ALA A 610 -24.26 -6.08 -28.01
CA ALA A 610 -23.94 -5.75 -29.40
C ALA A 610 -22.44 -5.52 -29.59
N ARG A 611 -21.79 -4.89 -28.60
CA ARG A 611 -20.36 -4.63 -28.76
C ARG A 611 -19.57 -5.92 -29.02
N SER A 612 -19.76 -6.93 -28.17
CA SER A 612 -19.02 -8.18 -28.34
C SER A 612 -19.53 -8.95 -29.57
N ARG A 613 -20.85 -8.98 -29.77
CA ARG A 613 -21.42 -9.56 -30.99
C ARG A 613 -20.69 -9.06 -32.22
N ARG A 614 -20.32 -7.77 -32.25
CA ARG A 614 -19.63 -7.27 -33.43
C ARG A 614 -18.13 -7.57 -33.38
N VAL A 615 -17.48 -7.28 -32.24
CA VAL A 615 -16.02 -7.37 -32.20
C VAL A 615 -15.55 -8.80 -32.45
N SER A 616 -16.38 -9.81 -32.16
CA SER A 616 -15.97 -11.17 -32.50
C SER A 616 -16.51 -11.61 -33.86
N ALA A 617 -17.83 -11.68 -34.00
CA ALA A 617 -18.44 -12.12 -35.26
C ALA A 617 -19.38 -11.08 -35.84
N SER A 630 -25.39 -4.71 -45.00
CA SER A 630 -24.49 -5.59 -44.25
C SER A 630 -23.22 -4.84 -43.87
N THR A 631 -23.08 -4.48 -42.59
CA THR A 631 -24.07 -4.80 -41.55
C THR A 631 -24.22 -3.64 -40.57
N GLU A 632 -25.46 -3.32 -40.19
CA GLU A 632 -25.73 -2.23 -39.27
C GLU A 632 -26.85 -2.61 -38.30
N GLU A 633 -26.65 -2.24 -37.03
CA GLU A 633 -27.16 -2.94 -35.86
C GLU A 633 -27.08 -2.00 -34.66
N PRO A 634 -27.87 -2.25 -33.59
CA PRO A 634 -29.16 -2.89 -33.34
C PRO A 634 -30.34 -1.92 -33.26
N GLN A 635 -31.50 -2.42 -32.83
CA GLN A 635 -32.71 -1.65 -32.57
C GLN A 635 -33.67 -2.49 -31.74
N SER A 636 -34.30 -1.86 -30.74
CA SER A 636 -35.21 -2.52 -29.82
C SER A 636 -36.02 -1.43 -29.10
N PRO A 637 -37.17 -1.78 -28.52
CA PRO A 637 -38.03 -0.72 -27.94
C PRO A 637 -37.38 0.14 -26.84
N ALA A 638 -36.40 -0.37 -26.10
CA ALA A 638 -35.72 0.47 -25.12
C ALA A 638 -34.65 1.36 -25.74
N TYR A 639 -34.12 0.95 -26.90
CA TYR A 639 -32.99 1.63 -27.52
C TYR A 639 -33.46 2.89 -28.25
N ARG A 640 -34.61 2.80 -28.94
CA ARG A 640 -35.18 3.97 -29.58
C ARG A 640 -35.62 5.02 -28.54
N GLN A 641 -36.21 4.57 -27.43
CA GLN A 641 -36.58 5.51 -26.37
C GLN A 641 -35.35 6.19 -25.80
N TRP A 642 -34.28 5.41 -25.57
CA TRP A 642 -33.03 5.97 -25.07
C TRP A 642 -32.50 7.05 -26.01
N LYS A 643 -32.45 6.75 -27.30
CA LYS A 643 -31.84 7.68 -28.25
C LYS A 643 -32.67 8.95 -28.40
N GLU A 644 -33.99 8.81 -28.57
CA GLU A 644 -34.82 10.00 -28.66
C GLU A 644 -34.77 10.85 -27.39
N SER A 645 -34.56 10.23 -26.22
CA SER A 645 -34.53 11.06 -25.02
C SER A 645 -33.18 11.71 -24.81
N CYS A 646 -32.11 11.10 -25.33
CA CYS A 646 -30.76 11.61 -25.14
C CYS A 646 -30.21 12.40 -26.34
N SER A 647 -31.02 12.62 -27.38
CA SER A 647 -30.53 13.31 -28.57
C SER A 647 -29.80 14.62 -28.25
N GLY A 648 -30.18 15.31 -27.17
CA GLY A 648 -29.64 16.64 -26.88
C GLY A 648 -28.19 16.66 -26.47
N LEU A 649 -27.65 15.54 -25.98
CA LEU A 649 -26.30 15.56 -25.41
C LEU A 649 -25.24 15.94 -26.43
N GLY A 650 -25.45 15.60 -27.70
CA GLY A 650 -24.46 15.93 -28.70
C GLY A 650 -24.06 17.39 -28.66
N ASP A 651 -25.05 18.27 -28.46
CA ASP A 651 -24.80 19.70 -28.41
C ASP A 651 -24.59 20.21 -26.99
N LEU A 652 -25.19 19.56 -25.98
CA LEU A 652 -24.87 19.95 -24.60
C LEU A 652 -23.38 19.85 -24.33
N LEU A 653 -22.75 18.79 -24.84
CA LEU A 653 -21.32 18.63 -24.63
C LEU A 653 -20.53 19.67 -25.39
N ILE A 654 -20.96 20.00 -26.61
CA ILE A 654 -20.26 21.02 -27.38
C ILE A 654 -20.28 22.35 -26.65
N SER A 655 -21.48 22.78 -26.23
CA SER A 655 -21.60 24.04 -25.49
C SER A 655 -20.78 24.02 -24.21
N THR A 656 -20.79 22.89 -23.48
CA THR A 656 -20.12 22.84 -22.17
C THR A 656 -18.61 22.83 -22.32
N ALA A 657 -18.10 22.07 -23.29
CA ALA A 657 -16.66 22.03 -23.52
C ALA A 657 -16.16 23.34 -24.13
N ALA A 658 -17.02 24.04 -24.87
CA ALA A 658 -16.63 25.33 -25.44
C ALA A 658 -16.36 26.36 -24.35
N ARG A 659 -17.20 26.38 -23.31
CA ARG A 659 -16.97 27.29 -22.20
C ARG A 659 -15.90 26.78 -21.23
N ASP A 660 -15.24 25.67 -21.57
CA ASP A 660 -14.17 25.09 -20.74
C ASP A 660 -14.69 24.71 -19.35
N SER A 661 -15.92 24.22 -19.30
CA SER A 661 -16.53 23.89 -18.03
C SER A 661 -16.02 22.55 -17.49
N ILE A 662 -15.57 21.66 -18.38
CA ILE A 662 -15.01 20.38 -17.95
C ILE A 662 -13.62 20.61 -17.37
N ALA A 663 -13.38 20.06 -16.18
CA ALA A 663 -12.16 20.33 -15.44
C ALA A 663 -11.42 19.03 -15.15
N VAL A 664 -10.11 19.06 -15.34
CA VAL A 664 -9.23 18.00 -14.89
C VAL A 664 -8.54 18.50 -13.63
N ALA A 665 -8.53 17.69 -12.58
CA ALA A 665 -7.99 18.13 -11.31
C ALA A 665 -7.12 17.04 -10.72
N ALA A 666 -6.18 17.45 -9.87
CA ALA A 666 -5.31 16.53 -9.16
C ALA A 666 -5.36 16.86 -7.69
N PRO A 667 -5.67 15.90 -6.83
CA PRO A 667 -5.74 16.18 -5.39
C PRO A 667 -4.38 16.60 -4.83
N LEU A 668 -4.42 17.44 -3.80
CA LEU A 668 -3.22 18.04 -3.23
C LEU A 668 -2.77 17.27 -1.99
N ARG A 669 -1.46 17.13 -1.86
CA ARG A 669 -0.89 16.44 -0.70
C ARG A 669 -0.28 17.52 0.19
N LEU A 670 -0.98 17.85 1.27
CA LEU A 670 -0.54 18.88 2.20
C LEU A 670 0.04 18.33 3.50
N ARG A 671 -0.31 17.10 3.86
CA ARG A 671 0.13 16.50 5.12
C ARG A 671 1.65 16.45 5.12
N PRO A 672 2.32 17.03 6.11
CA PRO A 672 3.79 16.97 6.16
C PRO A 672 4.31 15.63 6.65
N THR A 673 4.05 14.57 5.89
CA THR A 673 4.53 13.23 6.21
C THR A 673 5.19 12.59 5.00
N GLY A 674 6.10 11.66 5.28
CA GLY A 674 6.82 10.96 4.24
C GLY A 674 8.26 10.77 4.65
N ALA A 675 9.08 10.43 3.67
CA ALA A 675 10.50 10.24 3.93
C ALA A 675 11.13 11.57 4.35
N LEU A 676 11.77 11.58 5.52
CA LEU A 676 12.38 12.82 5.99
C LEU A 676 13.61 13.18 5.18
N HIS A 677 14.31 12.18 4.64
CA HIS A 677 15.58 12.39 3.95
C HIS A 677 15.86 11.17 3.08
N GLU A 678 16.82 11.35 2.17
CA GLU A 678 17.24 10.19 1.41
C GLU A 678 17.90 9.18 2.33
N GLU A 679 17.87 7.92 1.91
CA GLU A 679 18.20 6.81 2.80
C GLU A 679 19.69 6.52 2.86
N THR A 680 20.45 6.87 1.81
CA THR A 680 21.88 6.55 1.79
C THR A 680 22.65 7.62 2.54
N LEU A 681 23.27 7.20 3.65
CA LEU A 681 24.19 8.04 4.39
C LEU A 681 25.48 8.26 3.61
N ARG A 682 26.05 9.44 3.79
CA ARG A 682 27.24 9.85 3.06
C ARG A 682 28.27 10.41 4.02
N ALA A 683 29.55 10.19 3.70
CA ALA A 683 30.61 10.62 4.58
C ALA A 683 30.87 12.12 4.47
N PHE A 684 31.20 12.75 5.59
CA PHE A 684 31.47 14.18 5.62
C PHE A 684 32.84 14.49 4.99
N SER A 685 32.98 15.75 4.57
CA SER A 685 34.25 16.35 4.24
C SER A 685 34.66 17.28 5.38
N GLU A 686 35.92 17.69 5.41
CA GLU A 686 36.36 18.55 6.49
C GLU A 686 37.08 19.77 5.93
N HIS A 687 37.05 20.84 6.70
CA HIS A 687 37.65 22.09 6.24
C HIS A 687 38.24 22.83 7.42
N THR A 688 39.47 23.32 7.27
CA THR A 688 40.09 24.04 8.37
C THR A 688 39.51 25.45 8.49
N VAL A 689 39.42 25.94 9.72
CA VAL A 689 38.85 27.26 9.97
C VAL A 689 39.71 28.36 9.34
N GLY A 690 41.03 28.17 9.37
CA GLY A 690 41.94 29.20 8.87
C GLY A 690 42.08 29.26 7.37
N ALA A 691 41.72 28.19 6.66
CA ALA A 691 41.85 28.18 5.20
C ALA A 691 40.86 29.14 4.56
N ALA A 692 41.03 29.34 3.26
CA ALA A 692 40.11 30.17 2.49
C ALA A 692 38.81 29.42 2.25
N TRP A 693 37.73 30.17 2.16
CA TRP A 693 36.39 29.63 1.96
C TRP A 693 35.80 30.19 0.67
N LYS A 694 34.97 29.39 0.01
CA LYS A 694 34.13 29.89 -1.06
C LYS A 694 32.69 29.69 -0.65
N GLY A 695 31.79 30.24 -1.46
CA GLY A 695 30.38 30.22 -1.10
C GLY A 695 29.87 28.80 -0.95
N ALA A 696 30.28 27.92 -1.88
CA ALA A 696 29.86 26.53 -1.80
C ALA A 696 30.33 25.90 -0.49
N GLU A 697 31.56 26.17 -0.09
CA GLU A 697 32.07 25.55 1.12
C GLU A 697 31.37 26.07 2.36
N LEU A 698 30.88 27.31 2.34
CA LEU A 698 30.20 27.83 3.52
C LEU A 698 28.75 27.36 3.61
N ARG A 699 28.07 27.19 2.47
CA ARG A 699 26.72 26.61 2.55
C ARG A 699 26.77 25.20 3.09
N ARG A 700 27.91 24.52 2.91
CA ARG A 700 28.06 23.13 3.30
C ARG A 700 28.40 22.91 4.76
N ILE A 701 28.47 23.95 5.58
CA ILE A 701 28.88 23.76 6.98
C ILE A 701 27.79 23.02 7.75
N VAL A 702 28.20 21.97 8.47
CA VAL A 702 27.22 21.11 9.13
C VAL A 702 26.68 21.78 10.39
N GLU A 703 27.56 22.14 11.33
CA GLU A 703 27.11 22.68 12.60
C GLU A 703 26.36 23.99 12.39
N PRO A 704 25.12 24.12 12.87
CA PRO A 704 24.39 25.37 12.69
C PRO A 704 25.02 26.52 13.45
N GLU A 705 25.67 26.23 14.59
CA GLU A 705 26.37 27.27 15.35
C GLU A 705 27.62 27.73 14.61
N VAL A 706 28.42 26.79 14.09
CA VAL A 706 29.57 27.15 13.25
C VAL A 706 29.10 27.88 11.99
N TYR A 707 27.99 27.42 11.42
CA TYR A 707 27.42 28.09 10.26
C TYR A 707 27.10 29.54 10.57
N ALA A 708 26.46 29.80 11.72
CA ALA A 708 26.09 31.17 12.07
C ALA A 708 27.33 32.01 12.33
N ALA A 709 28.37 31.39 12.91
CA ALA A 709 29.62 32.11 13.11
C ALA A 709 30.20 32.60 11.78
N PHE A 710 30.28 31.71 10.80
CA PHE A 710 30.83 32.15 9.52
C PHE A 710 29.89 33.09 8.78
N LEU A 711 28.58 32.98 9.01
CA LEU A 711 27.66 33.93 8.40
C LEU A 711 27.87 35.33 8.99
N ALA A 712 28.18 35.40 10.28
CA ALA A 712 28.51 36.68 10.89
C ALA A 712 29.82 37.22 10.32
N LEU A 713 30.83 36.36 10.15
CA LEU A 713 32.09 36.82 9.57
C LEU A 713 31.96 37.19 8.09
N THR A 714 30.90 36.75 7.41
CA THR A 714 30.73 37.11 6.01
C THR A 714 29.89 38.37 5.82
N ASP A 715 29.08 38.75 6.83
CA ASP A 715 28.31 39.99 6.97
C ASP A 715 27.81 40.14 8.41
N PRO A 716 28.43 41.02 9.20
CA PRO A 716 28.15 41.06 10.64
C PRO A 716 26.70 41.34 10.99
N GLY A 717 25.97 42.10 10.15
CA GLY A 717 24.59 42.40 10.47
C GLY A 717 23.61 41.59 9.64
N GLY A 718 24.09 40.50 9.05
CA GLY A 718 23.28 39.73 8.14
C GLY A 718 22.55 38.61 8.84
N ARG A 719 21.29 38.41 8.45
CA ARG A 719 20.51 37.28 8.95
C ARG A 719 20.69 36.03 8.10
N PHE A 720 20.95 36.21 6.80
CA PHE A 720 21.03 35.14 5.82
C PHE A 720 22.40 35.13 5.16
N LEU A 721 22.74 33.99 4.57
CA LEU A 721 24.00 33.82 3.85
C LEU A 721 23.77 34.34 2.44
N LYS A 722 24.46 35.43 2.10
CA LYS A 722 24.26 36.14 0.85
C LYS A 722 25.46 35.95 -0.08
N VAL A 723 25.99 34.73 -0.13
CA VAL A 723 27.19 34.46 -0.90
C VAL A 723 26.81 33.76 -2.19
N SER A 724 27.65 33.96 -3.19
CA SER A 724 27.52 33.24 -4.44
C SER A 724 28.55 32.13 -4.43
N PRO A 725 28.15 30.86 -4.58
CA PRO A 725 29.14 29.79 -4.65
C PRO A 725 30.03 29.95 -5.87
N SER A 726 31.03 29.10 -6.05
CA SER A 726 31.94 29.18 -7.19
C SER A 726 32.78 30.45 -7.16
N GLU A 727 32.93 31.07 -5.99
CA GLU A 727 33.60 32.37 -5.87
C GLU A 727 33.97 32.58 -4.41
N ASP A 728 35.25 32.82 -4.14
CA ASP A 728 35.73 32.98 -2.78
C ASP A 728 35.11 34.18 -2.10
N VAL A 729 34.85 34.04 -0.80
CA VAL A 729 34.36 35.17 -0.02
C VAL A 729 35.18 35.41 1.24
N LEU A 730 36.00 34.47 1.67
CA LEU A 730 36.86 34.63 2.83
C LEU A 730 38.30 34.31 2.47
N PRO A 731 39.26 35.06 3.00
CA PRO A 731 40.68 34.76 2.78
C PRO A 731 41.15 33.68 3.74
N ALA A 732 42.42 33.31 3.60
CA ALA A 732 43.04 32.33 4.49
C ALA A 732 43.65 33.06 5.70
N ASP A 733 42.77 33.56 6.56
CA ASP A 733 43.16 34.27 7.78
C ASP A 733 43.87 33.31 8.73
N GLU A 734 45.20 33.46 8.84
CA GLU A 734 46.00 32.52 9.63
C GLU A 734 45.68 32.58 11.12
N ASN A 735 45.22 33.71 11.63
CA ASN A 735 44.81 33.77 13.02
C ASN A 735 43.33 34.08 13.06
N ARG A 736 42.52 33.17 12.52
CA ARG A 736 41.07 33.27 12.58
C ARG A 736 40.55 32.35 13.67
N HIS A 737 39.82 32.91 14.62
CA HIS A 737 39.14 32.14 15.64
C HIS A 737 37.65 32.44 15.51
N ILE A 738 36.82 31.44 15.82
CA ILE A 738 35.38 31.62 15.80
C ILE A 738 34.86 31.25 17.19
N VAL A 739 34.32 32.24 17.89
CA VAL A 739 33.89 32.09 19.26
C VAL A 739 32.47 31.54 19.31
N LEU A 740 32.28 30.54 20.16
CA LEU A 740 31.00 29.87 20.31
C LEU A 740 30.71 29.71 21.80
N SER A 741 29.43 29.45 22.09
CA SER A 741 29.06 29.21 23.47
C SER A 741 29.47 27.81 23.90
N ASP A 742 29.78 26.94 22.94
CA ASP A 742 30.37 25.64 23.22
C ASP A 742 31.85 25.77 23.55
N ARG A 743 32.62 26.38 22.65
CA ARG A 743 34.09 26.44 22.66
C ARG A 743 34.54 27.46 21.63
N VAL A 744 35.76 27.93 21.75
CA VAL A 744 36.40 28.76 20.74
C VAL A 744 37.27 27.87 19.86
N LEU A 745 37.25 28.09 18.55
CA LEU A 745 38.02 27.26 17.62
C LEU A 745 39.23 28.02 17.10
N GLY A 746 40.34 27.30 16.98
CA GLY A 746 41.58 27.83 16.46
C GLY A 746 41.66 27.75 14.96
N PRO A 747 42.65 28.42 14.37
CA PRO A 747 42.73 28.45 12.90
C PRO A 747 43.06 27.10 12.26
N ARG A 748 43.63 26.16 13.00
CA ARG A 748 43.90 24.83 12.46
C ARG A 748 42.84 23.80 12.84
N ASP A 749 41.85 24.17 13.65
CA ASP A 749 40.74 23.26 13.92
C ASP A 749 40.00 22.99 12.62
N ARG A 750 39.35 21.83 12.56
CA ARG A 750 38.60 21.44 11.38
C ARG A 750 37.12 21.45 11.70
N VAL A 751 36.31 21.86 10.73
CA VAL A 751 34.85 21.85 10.83
C VAL A 751 34.31 20.93 9.75
N LYS A 752 33.28 20.15 10.09
CA LYS A 752 32.70 19.22 9.16
C LYS A 752 31.83 19.93 8.13
N LEU A 753 31.92 19.46 6.90
CA LEU A 753 31.22 20.00 5.75
C LEU A 753 30.41 18.87 5.12
N PHE A 754 29.23 19.20 4.58
CA PHE A 754 28.48 18.19 3.85
C PHE A 754 29.28 17.80 2.59
N PRO A 755 29.06 16.60 2.06
CA PRO A 755 29.88 16.16 0.93
C PRO A 755 29.59 16.95 -0.32
N ASP A 756 28.37 17.46 -0.47
CA ASP A 756 27.88 17.96 -1.74
C ASP A 756 27.13 19.26 -1.54
N ASP A 757 27.27 20.17 -2.50
CA ASP A 757 26.67 21.50 -2.46
C ASP A 757 25.17 21.41 -2.79
N ARG A 758 24.44 20.67 -1.95
CA ARG A 758 23.01 20.52 -2.13
C ARG A 758 22.37 20.32 -0.77
N GLY A 759 21.10 20.69 -0.67
CA GLY A 759 20.35 20.53 0.56
C GLY A 759 20.58 19.20 1.23
N SER A 760 21.14 19.23 2.43
CA SER A 760 21.52 18.02 3.16
C SER A 760 21.21 18.23 4.64
N ILE A 761 21.20 17.13 5.39
CA ILE A 761 21.12 17.16 6.84
C ILE A 761 22.06 16.09 7.38
N ARG A 762 22.19 16.06 8.70
CA ARG A 762 22.99 15.05 9.38
C ARG A 762 22.09 14.11 10.15
N VAL A 763 22.16 12.82 9.82
CA VAL A 763 21.41 11.80 10.53
C VAL A 763 22.37 10.66 10.86
N ARG A 764 22.39 10.25 12.13
CA ARG A 764 23.14 9.09 12.56
C ARG A 764 24.60 9.18 12.10
N GLY A 765 25.21 10.34 12.38
CA GLY A 765 26.62 10.53 12.10
C GLY A 765 27.00 10.58 10.64
N GLY A 766 26.03 10.74 9.75
CA GLY A 766 26.33 10.84 8.34
C GLY A 766 25.54 11.95 7.71
N ALA A 767 25.91 12.26 6.47
CA ALA A 767 25.20 13.25 5.67
C ALA A 767 24.18 12.54 4.81
N ALA A 768 22.98 13.11 4.71
CA ALA A 768 21.94 12.58 3.85
C ALA A 768 21.26 13.73 3.13
N TYR A 769 21.10 13.61 1.81
CA TYR A 769 20.39 14.60 1.04
C TYR A 769 18.96 14.74 1.54
N ILE A 770 18.42 15.96 1.44
CA ILE A 770 16.99 16.13 1.70
C ILE A 770 16.21 15.33 0.67
N ALA A 771 14.99 14.93 1.05
CA ALA A 771 14.10 14.26 0.10
C ALA A 771 13.38 15.32 -0.76
N SER A 772 12.44 14.87 -1.60
CA SER A 772 11.68 15.77 -2.47
C SER A 772 10.95 16.85 -1.66
N PHE A 773 10.69 17.98 -2.32
CA PHE A 773 10.17 19.12 -1.58
C PHE A 773 8.70 18.91 -1.25
N HIS A 774 8.35 19.17 0.01
CA HIS A 774 6.94 19.14 0.40
C HIS A 774 6.17 20.23 -0.35
N HIS A 775 6.71 21.44 -0.36
CA HIS A 775 6.04 22.53 -1.07
C HIS A 775 7.08 23.58 -1.43
N ALA A 776 6.62 24.69 -2.00
CA ALA A 776 7.48 25.82 -2.27
C ALA A 776 6.70 27.07 -1.92
N ARG A 777 7.41 28.08 -1.43
CA ARG A 777 6.77 29.33 -1.04
C ARG A 777 7.08 30.36 -2.11
N VAL A 778 6.05 31.06 -2.54
CA VAL A 778 6.14 32.04 -3.62
C VAL A 778 6.31 33.42 -2.99
N PHE A 779 7.50 33.99 -3.14
CA PHE A 779 7.82 35.35 -2.72
C PHE A 779 7.84 36.25 -3.95
N ARG A 780 7.59 37.54 -3.71
CA ARG A 780 7.78 38.51 -4.78
C ARG A 780 8.12 39.87 -4.19
N TRP A 781 8.64 40.73 -5.07
CA TRP A 781 9.10 42.05 -4.66
C TRP A 781 9.13 42.94 -5.89
N GLY A 782 9.40 44.21 -5.64
CA GLY A 782 9.54 45.16 -6.73
C GLY A 782 8.24 45.87 -7.03
N SER A 783 8.26 46.60 -8.16
CA SER A 783 7.12 47.39 -8.56
C SER A 783 5.88 46.51 -8.73
N SER A 784 4.72 47.15 -8.82
CA SER A 784 3.50 46.40 -9.06
C SER A 784 3.31 46.08 -10.53
N HIS A 785 3.66 47.02 -11.40
CA HIS A 785 3.49 46.83 -12.84
C HIS A 785 4.53 45.87 -13.41
N SER A 786 5.69 45.75 -12.77
CA SER A 786 6.70 44.77 -13.17
C SER A 786 7.38 44.21 -11.92
N PRO A 787 6.86 43.10 -11.37
CA PRO A 787 7.45 42.51 -10.16
C PRO A 787 8.35 41.29 -10.40
N SER A 788 9.35 41.13 -9.54
CA SER A 788 10.23 39.97 -9.54
C SER A 788 9.67 38.91 -8.60
N PHE A 789 9.68 37.65 -9.06
CA PHE A 789 9.25 36.53 -8.24
C PHE A 789 10.40 35.58 -7.94
N ALA A 790 10.20 34.74 -6.91
CA ALA A 790 11.17 33.70 -6.57
C ALA A 790 10.51 32.65 -5.68
N LEU A 791 11.09 31.45 -5.67
CA LEU A 791 10.55 30.33 -4.89
C LEU A 791 11.51 29.90 -3.80
N LEU A 792 10.95 29.50 -2.66
CA LEU A 792 11.69 28.88 -1.56
C LEU A 792 11.25 27.42 -1.47
N ARG A 793 12.13 26.49 -1.88
CA ARG A 793 11.82 25.06 -1.99
C ARG A 793 11.92 24.37 -0.64
N VAL A 794 10.77 24.09 -0.04
CA VAL A 794 10.68 23.60 1.33
C VAL A 794 10.47 22.10 1.29
N SER A 795 11.30 21.40 2.04
CA SER A 795 11.36 19.95 2.15
C SER A 795 10.98 19.52 3.56
N LEU A 796 10.75 18.21 3.73
CA LEU A 796 10.46 17.68 5.05
C LEU A 796 11.67 17.72 5.96
N ALA A 797 12.87 17.65 5.40
CA ALA A 797 14.06 17.82 6.23
C ALA A 797 14.09 19.23 6.81
N ASP A 798 13.62 20.22 6.04
CA ASP A 798 13.51 21.58 6.55
C ASP A 798 12.58 21.66 7.75
N LEU A 799 11.38 21.11 7.62
CA LEU A 799 10.47 21.14 8.74
C LEU A 799 11.00 20.32 9.91
N ALA A 800 11.76 19.28 9.62
CA ALA A 800 12.29 18.43 10.67
C ALA A 800 13.32 19.18 11.51
N VAL A 801 14.33 19.77 10.87
CA VAL A 801 15.40 20.46 11.60
C VAL A 801 14.87 21.69 12.34
N ALA A 802 13.88 22.37 11.76
CA ALA A 802 13.24 23.51 12.42
C ALA A 802 12.27 23.08 13.51
N GLY A 803 12.14 21.78 13.76
CA GLY A 803 11.22 21.30 14.79
C GLY A 803 9.81 21.77 14.60
N LEU A 804 9.34 21.83 13.34
CA LEU A 804 8.00 22.32 13.03
C LEU A 804 7.03 21.19 12.74
N LEU A 805 7.30 19.99 13.21
CA LEU A 805 6.37 18.90 13.03
C LEU A 805 5.52 18.67 14.27
N ARG A 806 5.68 19.53 15.27
CA ARG A 806 4.82 19.61 16.45
C ARG A 806 3.38 19.86 16.03
N ASP A 807 2.48 19.90 17.02
CA ASP A 807 1.08 20.24 16.80
C ASP A 807 0.89 21.75 16.60
N GLY A 808 -0.13 22.10 15.83
CA GLY A 808 -0.50 23.49 15.70
C GLY A 808 0.38 24.35 14.82
N VAL A 809 1.16 23.75 13.94
CA VAL A 809 2.03 24.51 13.05
C VAL A 809 1.44 24.54 11.66
N ASP A 810 1.49 25.72 11.03
CA ASP A 810 1.15 25.86 9.62
C ASP A 810 2.45 25.72 8.83
N VAL A 811 2.60 24.59 8.14
CA VAL A 811 3.88 24.29 7.51
C VAL A 811 4.17 25.23 6.35
N PHE A 812 3.16 25.90 5.78
CA PHE A 812 3.41 26.77 4.64
C PHE A 812 3.80 28.19 5.03
N THR A 813 3.41 28.66 6.20
CA THR A 813 3.79 29.99 6.68
C THR A 813 4.28 29.82 8.12
N ALA A 814 5.55 29.47 8.27
CA ALA A 814 6.18 29.38 9.58
C ALA A 814 7.67 29.46 9.32
N GLU A 815 8.30 30.47 9.91
CA GLU A 815 9.68 30.79 9.55
C GLU A 815 10.61 29.60 9.73
N LEU A 816 11.31 29.30 8.71
CA LEU A 816 12.44 28.39 8.68
C LEU A 816 13.71 29.16 8.98
N PRO A 817 14.52 28.73 9.95
CA PRO A 817 15.75 29.47 10.27
C PRO A 817 16.65 29.58 9.06
N PRO A 818 17.60 30.53 9.06
CA PRO A 818 18.49 30.67 7.90
C PRO A 818 19.42 29.49 7.69
N TRP A 819 19.66 28.64 8.69
CA TRP A 819 20.57 27.52 8.47
C TRP A 819 19.90 26.36 7.73
N THR A 820 18.58 26.32 7.67
CA THR A 820 17.89 25.21 7.05
C THR A 820 18.31 25.08 5.60
N PRO A 821 18.30 23.87 5.05
CA PRO A 821 18.67 23.71 3.64
C PRO A 821 17.83 24.54 2.70
N ALA A 822 16.59 24.85 3.07
CA ALA A 822 15.73 25.67 2.22
C ALA A 822 16.35 27.04 1.99
N TRP A 823 16.73 27.72 3.07
CA TRP A 823 17.34 29.03 2.89
C TRP A 823 18.78 28.95 2.42
N ARG A 824 19.48 27.85 2.72
CA ARG A 824 20.86 27.72 2.23
C ARG A 824 20.91 27.69 0.73
N TYR A 825 19.86 27.19 0.08
CA TYR A 825 19.89 26.95 -1.36
C TYR A 825 18.81 27.72 -2.09
N ALA A 826 18.30 28.78 -1.48
CA ALA A 826 17.40 29.66 -2.19
C ALA A 826 18.17 30.46 -3.23
N SER A 827 17.43 31.03 -4.18
CA SER A 827 18.03 31.88 -5.20
C SER A 827 18.67 33.10 -4.53
N ILE A 828 19.94 33.40 -4.90
CA ILE A 828 20.62 34.51 -4.21
C ILE A 828 19.84 35.80 -4.40
N ALA A 829 19.19 35.97 -5.56
CA ALA A 829 18.31 37.13 -5.73
C ALA A 829 17.26 37.15 -4.62
N LEU A 830 16.67 35.98 -4.34
CA LEU A 830 15.69 35.87 -3.26
C LEU A 830 16.32 36.22 -1.92
N VAL A 831 17.50 35.67 -1.62
CA VAL A 831 18.02 35.87 -0.26
C VAL A 831 18.53 37.30 -0.06
N LYS A 832 18.88 38.03 -1.13
CA LYS A 832 19.13 39.45 -0.94
C LYS A 832 17.84 40.25 -0.89
N ALA A 833 16.79 39.80 -1.59
CA ALA A 833 15.56 40.56 -1.58
C ALA A 833 14.80 40.38 -0.26
N VAL A 834 14.91 39.22 0.36
CA VAL A 834 14.13 38.97 1.57
C VAL A 834 14.76 39.68 2.77
N GLU A 835 16.08 39.74 2.83
CA GLU A 835 16.73 40.40 3.95
C GLU A 835 16.60 41.91 3.88
N SER A 836 16.57 42.45 2.68
CA SER A 836 16.31 43.86 2.47
C SER A 836 14.86 44.22 2.73
N GLY A 837 14.06 43.27 3.23
CA GLY A 837 12.66 43.50 3.54
C GLY A 837 11.72 43.67 2.37
N ASP A 838 12.21 43.77 1.14
CA ASP A 838 11.29 44.02 0.03
C ASP A 838 10.50 42.78 -0.35
N ALA A 839 11.10 41.60 -0.26
CA ALA A 839 10.43 40.37 -0.67
C ALA A 839 9.57 39.86 0.46
N LYS A 840 8.33 39.46 0.14
CA LYS A 840 7.44 38.93 1.15
C LYS A 840 6.76 37.68 0.60
N GLN A 841 6.41 36.75 1.48
CA GLN A 841 5.72 35.56 1.01
C GLN A 841 4.31 35.93 0.58
N VAL A 842 3.98 35.59 -0.65
CA VAL A 842 2.68 35.89 -1.21
C VAL A 842 1.81 34.65 -1.35
N GLY A 843 2.39 33.50 -1.62
CA GLY A 843 1.59 32.29 -1.69
C GLY A 843 2.41 31.04 -1.47
N TRP A 844 1.80 29.89 -1.70
CA TRP A 844 2.54 28.64 -1.65
C TRP A 844 2.03 27.68 -2.74
N LEU A 845 2.97 27.00 -3.39
CA LEU A 845 2.66 25.99 -4.38
C LEU A 845 2.98 24.61 -3.82
N VAL A 846 2.21 23.61 -4.25
CA VAL A 846 2.44 22.24 -3.78
C VAL A 846 2.27 21.34 -4.99
N PRO A 847 3.06 20.26 -5.14
CA PRO A 847 2.93 19.40 -6.33
C PRO A 847 1.50 18.97 -6.60
N GLY A 848 1.01 19.27 -7.80
CA GLY A 848 -0.30 18.87 -8.24
C GLY A 848 -1.28 20.00 -8.49
N ASP A 849 -1.07 21.19 -7.91
CA ASP A 849 -2.14 22.15 -8.11
C ASP A 849 -1.97 22.88 -9.45
N GLU A 850 -3.01 23.61 -9.81
CA GLU A 850 -3.29 23.97 -11.19
C GLU A 850 -2.89 25.41 -11.48
N LEU A 851 -2.38 25.63 -12.69
CA LEU A 851 -1.93 26.91 -13.20
C LEU A 851 -2.78 27.18 -14.44
N ASP A 852 -3.79 28.05 -14.33
CA ASP A 852 -4.58 28.47 -15.48
C ASP A 852 -4.03 29.80 -15.93
N PHE A 853 -3.46 29.84 -17.14
CA PHE A 853 -2.91 31.10 -17.59
C PHE A 853 -3.98 32.01 -18.19
N GLY A 854 -5.24 31.67 -18.03
CA GLY A 854 -6.33 32.49 -18.51
C GLY A 854 -6.40 32.56 -20.02
N PRO A 855 -7.28 33.42 -20.53
CA PRO A 855 -7.38 33.57 -21.99
C PRO A 855 -6.11 34.01 -22.68
N GLU A 856 -5.16 34.65 -21.99
CA GLU A 856 -3.97 35.11 -22.69
C GLU A 856 -2.86 34.08 -22.82
N GLY A 857 -2.93 32.99 -22.06
CA GLY A 857 -2.07 31.84 -22.32
C GLY A 857 -0.62 32.13 -22.03
N VAL A 858 0.21 31.13 -22.31
CA VAL A 858 1.65 31.26 -22.13
C VAL A 858 2.19 32.25 -23.16
N THR A 859 2.72 33.38 -22.68
CA THR A 859 3.31 34.38 -23.56
C THR A 859 4.83 34.31 -23.58
N THR A 860 5.45 33.82 -22.51
CA THR A 860 6.90 33.72 -22.43
C THR A 860 7.40 32.44 -23.10
N ALA A 861 6.65 31.93 -24.08
CA ALA A 861 7.05 30.69 -24.73
C ALA A 861 8.34 30.89 -25.49
N ALA A 862 9.24 29.91 -25.39
CA ALA A 862 10.50 29.98 -26.11
C ALA A 862 11.10 28.59 -26.25
N GLY A 863 11.73 28.34 -27.40
CA GLY A 863 12.39 27.06 -27.60
C GLY A 863 11.41 25.93 -27.88
N ASP A 864 11.77 24.73 -27.40
CA ASP A 864 10.96 23.54 -27.66
C ASP A 864 9.55 23.65 -27.12
N LEU A 865 9.32 24.51 -26.13
CA LEU A 865 7.97 24.73 -25.65
C LEU A 865 7.09 25.35 -26.71
N SER A 866 7.62 26.31 -27.48
CA SER A 866 6.77 27.02 -28.42
C SER A 866 6.36 26.15 -29.59
N MET A 867 7.28 25.33 -30.11
CA MET A 867 6.86 24.37 -31.13
C MET A 867 5.85 23.38 -30.58
N PHE A 868 5.83 23.17 -29.26
CA PHE A 868 4.77 22.36 -28.66
C PHE A 868 3.45 23.11 -28.65
N LEU A 869 3.48 24.41 -28.33
CA LEU A 869 2.24 25.15 -28.22
C LEU A 869 1.60 25.45 -29.56
N LYS A 870 2.36 25.41 -30.66
CA LYS A 870 1.70 25.61 -31.95
C LYS A 870 0.68 24.52 -32.23
N TYR A 871 0.91 23.30 -31.71
CA TYR A 871 -0.03 22.23 -32.01
C TYR A 871 -0.93 21.87 -30.83
N PHE A 872 -0.56 22.21 -29.60
CA PHE A 872 -1.38 21.95 -28.43
C PHE A 872 -1.44 23.24 -27.63
N PRO A 873 -2.49 24.02 -27.79
CA PRO A 873 -2.58 25.37 -27.15
C PRO A 873 -3.03 25.27 -25.69
N GLU A 874 -2.14 24.77 -24.85
CA GLU A 874 -2.50 24.36 -23.50
C GLU A 874 -2.43 25.54 -22.54
N ARG A 875 -3.52 25.75 -21.78
CA ARG A 875 -3.56 26.82 -20.79
C ARG A 875 -3.67 26.31 -19.37
N HIS A 876 -3.97 25.04 -19.17
CA HIS A 876 -4.10 24.45 -17.86
C HIS A 876 -2.88 23.58 -17.60
N TRP A 877 -2.11 23.92 -16.55
CA TRP A 877 -0.87 23.23 -16.26
C TRP A 877 -0.87 22.76 -14.81
N VAL A 878 -0.06 21.75 -14.53
CA VAL A 878 -0.03 21.10 -13.24
C VAL A 878 1.42 21.08 -12.75
N VAL A 879 1.61 21.42 -11.48
CA VAL A 879 2.95 21.48 -10.92
C VAL A 879 3.38 20.06 -10.52
N THR A 880 4.60 19.67 -10.91
CA THR A 880 5.12 18.35 -10.60
C THR A 880 6.40 18.36 -9.79
N GLY A 881 7.12 19.47 -9.76
CA GLY A 881 8.36 19.54 -9.00
C GLY A 881 8.99 20.90 -9.18
N PHE A 882 10.09 21.11 -8.46
CA PHE A 882 10.81 22.38 -8.43
C PHE A 882 12.28 22.05 -8.66
N GLU A 883 12.63 21.97 -9.94
CA GLU A 883 13.86 21.30 -10.37
C GLU A 883 15.12 21.95 -9.80
N ASP A 884 15.23 23.28 -9.89
CA ASP A 884 16.41 23.99 -9.36
C ASP A 884 15.97 25.30 -8.74
N ASP A 885 16.92 26.10 -8.24
CA ASP A 885 16.54 27.30 -7.50
C ASP A 885 15.91 28.39 -8.37
N LYS A 886 15.69 28.14 -9.66
CA LYS A 886 15.04 29.12 -10.53
C LYS A 886 13.93 28.54 -11.40
N ARG A 887 13.64 27.25 -11.31
CA ARG A 887 12.66 26.66 -12.23
C ARG A 887 11.58 25.90 -11.47
N ILE A 888 10.50 25.68 -12.18
CA ILE A 888 9.37 24.91 -11.70
C ILE A 888 8.92 24.01 -12.83
N ASN A 889 8.51 22.80 -12.47
CA ASN A 889 8.19 21.76 -13.44
C ASN A 889 6.68 21.69 -13.64
N LEU A 890 6.24 21.88 -14.88
CA LEU A 890 4.82 21.92 -15.22
C LEU A 890 4.53 20.90 -16.32
N LYS A 891 3.44 20.16 -16.15
CA LYS A 891 2.92 19.25 -17.17
C LYS A 891 1.56 19.76 -17.62
N PRO A 892 1.14 19.50 -18.86
CA PRO A 892 -0.20 19.95 -19.25
C PRO A 892 -1.25 19.12 -18.52
N ALA A 893 -2.32 19.81 -18.11
CA ALA A 893 -3.33 19.18 -17.28
C ALA A 893 -4.26 18.29 -18.08
N PHE A 894 -4.52 18.65 -19.34
CA PHE A 894 -5.52 17.96 -20.14
C PHE A 894 -4.97 16.77 -20.92
N LEU A 895 -3.66 16.67 -21.11
CA LEU A 895 -3.08 15.62 -21.92
C LEU A 895 -2.59 14.48 -21.04
N SER A 896 -2.71 13.23 -21.51
CA SER A 896 -2.37 12.07 -20.70
C SER A 896 -0.92 11.66 -20.95
N ALA A 897 -0.20 11.41 -19.86
CA ALA A 897 1.20 11.04 -19.99
C ALA A 897 1.35 9.64 -20.58
N GLU A 898 0.45 8.72 -20.25
CA GLU A 898 0.64 7.34 -20.70
C GLU A 898 0.45 7.21 -22.20
N GLN A 899 -0.51 7.95 -22.77
CA GLN A 899 -0.67 7.91 -24.22
C GLN A 899 0.55 8.50 -24.91
N ALA A 900 1.10 9.58 -24.37
CA ALA A 900 2.30 10.16 -24.98
C ALA A 900 3.50 9.23 -24.86
N GLU A 901 3.55 8.42 -23.80
CA GLU A 901 4.57 7.39 -23.74
C GLU A 901 4.31 6.29 -24.76
N VAL A 902 3.04 5.94 -24.98
CA VAL A 902 2.73 5.00 -26.05
C VAL A 902 3.32 5.50 -27.36
N LEU A 903 3.14 6.79 -27.64
CA LEU A 903 3.68 7.35 -28.89
C LEU A 903 5.20 7.28 -28.93
N ARG A 904 5.85 7.63 -27.82
CA ARG A 904 7.31 7.65 -27.81
C ARG A 904 7.90 6.25 -28.02
N THR A 905 7.33 5.25 -27.34
CA THR A 905 7.80 3.89 -27.59
C THR A 905 7.41 3.40 -28.99
N GLU A 906 6.35 3.95 -29.57
CA GLU A 906 5.94 3.53 -30.92
C GLU A 906 6.84 4.08 -32.01
N ARG A 907 7.23 5.36 -31.93
CA ARG A 907 8.00 5.92 -33.05
C ARG A 907 9.40 5.31 -33.11
N SER A 908 9.94 4.86 -31.96
CA SER A 908 11.26 4.25 -31.93
C SER A 908 11.26 2.80 -32.38
N ASP A 909 10.10 2.17 -32.53
CA ASP A 909 9.95 0.80 -33.01
C ASP A 909 9.29 0.75 -34.37
N ARG A 910 8.33 1.63 -34.61
CA ARG A 910 7.66 1.77 -35.90
C ARG A 910 7.68 3.26 -36.25
N PRO A 911 8.69 3.71 -36.97
CA PRO A 911 8.79 5.14 -37.32
C PRO A 911 7.82 5.48 -38.46
N ASP A 912 7.84 6.75 -38.86
CA ASP A 912 7.13 7.30 -40.01
C ASP A 912 5.61 7.28 -39.84
N THR A 913 5.11 6.81 -38.69
CA THR A 913 3.67 6.65 -38.47
C THR A 913 3.10 7.72 -37.55
N LEU A 914 3.57 8.96 -37.70
CA LEU A 914 3.13 10.07 -36.86
C LEU A 914 3.08 11.36 -37.65
N THR A 915 2.16 12.24 -37.24
CA THR A 915 2.19 13.61 -37.73
C THR A 915 3.33 14.38 -37.07
N GLU A 916 3.52 15.62 -37.52
CA GLU A 916 4.50 16.48 -36.88
C GLU A 916 4.14 16.73 -35.42
N ALA A 917 2.84 16.92 -35.15
CA ALA A 917 2.39 17.05 -33.77
C ALA A 917 2.60 15.76 -32.98
N GLY A 918 2.60 14.61 -33.65
CA GLY A 918 2.89 13.36 -32.96
C GLY A 918 4.34 13.29 -32.50
N GLU A 919 5.27 13.64 -33.38
CA GLU A 919 6.68 13.71 -33.00
C GLU A 919 6.87 14.70 -31.86
N ILE A 920 6.18 15.84 -31.92
CA ILE A 920 6.27 16.85 -30.87
C ILE A 920 5.78 16.31 -29.54
N LEU A 921 4.59 15.73 -29.54
CA LEU A 921 4.01 15.20 -28.31
C LEU A 921 4.85 14.06 -27.75
N ALA A 922 5.51 13.30 -28.62
CA ALA A 922 6.35 12.21 -28.15
C ALA A 922 7.60 12.75 -27.47
N GLN A 923 8.24 13.74 -28.10
CA GLN A 923 9.50 14.26 -27.55
C GLN A 923 9.27 15.06 -26.28
N PHE A 924 8.10 15.68 -26.16
CA PHE A 924 7.85 16.58 -25.03
C PHE A 924 7.69 15.82 -23.72
N PHE A 925 6.72 14.91 -23.66
CA PHE A 925 6.19 14.44 -22.37
C PHE A 925 7.08 13.78 -21.32
N PRO A 926 8.15 13.07 -21.62
CA PRO A 926 8.97 12.54 -20.52
C PRO A 926 9.21 13.59 -19.43
N ARG A 927 9.52 14.85 -19.81
CA ARG A 927 9.67 15.90 -18.81
C ARG A 927 8.95 17.21 -19.08
N CYS A 928 8.16 17.31 -20.14
CA CYS A 928 7.35 18.50 -20.40
C CYS A 928 8.02 19.85 -20.16
N TRP A 929 7.32 20.75 -19.48
CA TRP A 929 7.80 22.11 -19.33
C TRP A 929 8.66 22.22 -18.08
N ARG A 930 9.92 22.60 -18.27
CA ARG A 930 10.86 22.82 -17.18
C ARG A 930 11.13 24.32 -17.13
N ALA A 931 10.13 25.03 -16.64
CA ALA A 931 10.00 26.46 -16.87
C ALA A 931 10.81 27.26 -15.87
N THR A 932 11.35 28.38 -16.34
CA THR A 932 11.95 29.35 -15.44
C THR A 932 10.85 30.12 -14.71
N VAL A 933 10.92 30.15 -13.37
CA VAL A 933 9.87 30.78 -12.59
C VAL A 933 9.67 32.22 -13.02
N ALA A 934 10.76 32.89 -13.38
CA ALA A 934 10.69 34.27 -13.81
C ALA A 934 9.76 34.41 -15.01
N LYS A 935 9.79 33.41 -15.89
CA LYS A 935 8.99 33.44 -17.11
C LYS A 935 7.61 32.81 -16.92
N VAL A 936 7.25 32.43 -15.69
CA VAL A 936 5.92 31.88 -15.40
C VAL A 936 5.06 32.85 -14.62
N LEU A 937 5.55 33.33 -13.48
CA LEU A 937 4.74 34.16 -12.61
C LEU A 937 4.58 35.57 -13.13
N CYS A 938 5.29 35.94 -14.19
CA CYS A 938 5.17 37.28 -14.75
C CYS A 938 3.96 37.36 -15.66
N HIS A 939 2.89 36.64 -15.32
CA HIS A 939 1.71 36.67 -16.17
C HIS A 939 0.59 37.37 -15.42
N PRO A 940 0.23 38.58 -15.80
CA PRO A 940 -0.96 39.19 -15.23
C PRO A 940 -2.16 38.43 -15.77
N GLY A 941 -3.30 38.63 -15.13
CA GLY A 941 -3.65 37.58 -14.21
C GLY A 941 -3.49 36.19 -14.80
N LEU A 942 -2.76 35.42 -14.00
CA LEU A 942 -2.57 33.99 -14.06
C LEU A 942 -3.14 33.49 -12.76
N THR A 943 -3.97 32.47 -12.79
CA THR A 943 -4.60 32.03 -11.56
C THR A 943 -4.14 30.62 -11.22
N VAL A 944 -3.68 30.45 -9.99
CA VAL A 944 -3.47 29.12 -9.45
C VAL A 944 -4.80 28.68 -8.85
N ILE A 945 -5.36 27.62 -9.44
CA ILE A 945 -6.75 27.26 -9.25
C ILE A 945 -6.81 26.10 -8.27
N ARG A 946 -7.69 26.21 -7.27
CA ARG A 946 -7.88 25.13 -6.31
C ARG A 946 -9.37 24.80 -6.26
N ARG A 947 -9.72 23.60 -6.66
CA ARG A 947 -11.11 23.25 -6.96
C ARG A 947 -11.85 22.65 -5.78
N THR A 948 -13.18 22.74 -5.83
CA THR A 948 -14.04 21.90 -5.01
C THR A 948 -14.09 20.48 -5.58
N ALA A 949 -14.73 19.57 -4.85
CA ALA A 949 -14.85 18.22 -5.40
C ALA A 949 -15.67 18.23 -6.68
N LEU A 950 -16.63 19.13 -6.78
CA LEU A 950 -17.41 19.27 -7.99
C LEU A 950 -16.62 19.86 -9.15
N GLY A 951 -15.37 20.27 -8.94
CA GLY A 951 -14.56 20.83 -10.00
C GLY A 951 -14.74 22.31 -10.24
N GLN A 952 -15.19 23.06 -9.23
CA GLN A 952 -15.37 24.49 -9.32
C GLN A 952 -14.34 25.21 -8.47
N PRO A 953 -13.69 26.24 -9.00
CA PRO A 953 -12.59 26.88 -8.29
C PRO A 953 -13.10 27.64 -7.08
N ARG A 954 -12.54 27.34 -5.91
CA ARG A 954 -12.79 28.15 -4.74
C ARG A 954 -12.20 29.52 -4.96
N TRP A 955 -13.03 30.56 -4.86
CA TRP A 955 -12.55 31.93 -4.94
C TRP A 955 -12.51 32.62 -3.60
N ARG A 956 -13.44 32.31 -2.69
CA ARG A 956 -13.52 33.03 -1.42
C ARG A 956 -12.35 32.61 -0.54
N ARG A 957 -11.77 33.57 0.17
CA ARG A 957 -10.63 33.30 1.04
C ARG A 957 -11.05 32.51 2.27
N GLY A 958 -11.63 31.34 2.09
CA GLY A 958 -12.13 30.53 3.20
C GLY A 958 -11.05 29.66 3.83
N HIS A 959 -11.50 28.76 4.71
CA HIS A 959 -10.58 27.90 5.47
C HIS A 959 -9.99 26.75 4.65
N LEU A 960 -10.72 26.21 3.67
CA LEU A 960 -10.10 25.28 2.73
C LEU A 960 -9.19 26.04 1.76
N PRO A 961 -8.22 25.35 1.14
CA PRO A 961 -7.34 26.04 0.18
C PRO A 961 -8.16 26.66 -0.93
N TYR A 962 -7.64 27.76 -1.47
CA TYR A 962 -8.41 28.54 -2.42
C TYR A 962 -7.49 29.10 -3.48
N SER A 963 -8.13 29.57 -4.55
CA SER A 963 -7.43 30.12 -5.70
C SER A 963 -6.86 31.49 -5.36
N TRP A 964 -5.76 31.85 -6.05
CA TRP A 964 -5.16 33.16 -5.85
C TRP A 964 -4.39 33.51 -7.11
N ARG A 965 -3.98 34.78 -7.20
CA ARG A 965 -3.23 35.24 -8.36
C ARG A 965 -1.86 35.76 -7.93
N PRO A 966 -0.77 35.14 -8.38
CA PRO A 966 0.56 35.58 -7.96
C PRO A 966 0.88 37.02 -8.32
N TRP A 967 0.33 37.54 -9.42
CA TRP A 967 0.65 38.91 -9.81
C TRP A 967 0.13 39.92 -8.81
N SER A 968 -0.93 39.59 -8.09
CA SER A 968 -1.57 40.56 -7.19
C SER A 968 -2.32 39.77 -6.11
N ALA A 969 -1.64 39.53 -4.99
CA ALA A 969 -2.28 38.84 -3.89
C ALA A 969 -1.64 39.35 -2.62
N ASP A 970 -2.49 39.62 -1.63
CA ASP A 970 -2.08 40.26 -0.39
C ASP A 970 -1.06 39.40 0.33
N PRO A 971 0.14 39.94 0.62
CA PRO A 971 1.18 39.15 1.32
C PRO A 971 0.66 38.64 2.65
N TRP A 972 1.45 37.72 3.24
CA TRP A 972 1.01 37.04 4.44
C TRP A 972 0.96 38.03 5.61
N SER A 973 -0.04 37.84 6.49
CA SER A 973 -0.32 38.76 7.59
C SER A 973 -0.48 40.19 7.08
#